data_2PJU
#
_entry.id   2PJU
#
_cell.length_a   35.657
_cell.length_b   58.545
_cell.length_c   103.576
_cell.angle_alpha   85.030
_cell.angle_beta   88.560
_cell.angle_gamma   86.940
#
_symmetry.space_group_name_H-M   'P 1'
#
loop_
_entity.id
_entity.type
_entity.pdbx_description
1 polymer 'Propionate catabolism operon regulatory protein'
2 water water
#
_entity_poly.entity_id   1
_entity_poly.type   'polypeptide(L)'
_entity_poly.pdbx_seq_one_letter_code
;MSLAHPPRLNDDKPVIWTVSVTRLFELFRDISLEFDHLANITPIQLGFEKAVTYIRKKLANERCDAIIAAGSNGAYLKSR
LSVPVILIKPSGYDVLQFLAKAGKLTSSIGVVTYQETIPALVAFQKTFNLRLDQRSYITEEDARGQINELKANGTEAVVG
AGLITDLAEEAGMTGIFIYSAATVRQAFSDALDMTRMSLRHNTHDATRNALRTRYVLEGHHHHHH
;
_entity_poly.pdbx_strand_id   A,B,C,D
#
# COMPACT_ATOMS: atom_id res chain seq x y z
N LYS A 13 45.19 24.66 17.66
CA LYS A 13 44.08 24.86 16.68
C LYS A 13 44.61 24.55 15.28
N PRO A 14 43.81 23.87 14.44
CA PRO A 14 44.20 23.73 13.03
C PRO A 14 44.60 25.06 12.36
N VAL A 15 45.61 25.00 11.49
CA VAL A 15 46.10 26.15 10.76
C VAL A 15 45.53 26.12 9.33
N ILE A 16 44.80 27.17 8.97
CA ILE A 16 44.19 27.30 7.63
C ILE A 16 44.67 28.56 6.92
N TRP A 17 45.15 28.40 5.69
CA TRP A 17 45.48 29.56 4.86
C TRP A 17 44.49 29.63 3.74
N THR A 18 43.81 30.77 3.58
CA THR A 18 42.86 30.93 2.49
C THR A 18 43.61 31.66 1.38
N VAL A 19 43.36 31.30 0.12
CA VAL A 19 43.98 31.97 -1.02
C VAL A 19 42.89 32.48 -1.95
N SER A 20 42.82 33.81 -2.11
CA SER A 20 41.76 34.49 -2.87
C SER A 20 42.08 35.95 -3.19
N VAL A 21 41.32 36.52 -4.13
CA VAL A 21 41.41 37.96 -4.44
C VAL A 21 39.99 38.54 -4.51
N THR A 22 39.91 39.87 -4.51
CA THR A 22 38.71 40.67 -4.78
C THR A 22 37.48 40.25 -3.98
N ARG A 23 36.35 39.98 -4.64
CA ARG A 23 35.10 39.62 -3.91
C ARG A 23 35.26 38.41 -3.04
N LEU A 24 35.96 37.38 -3.56
CA LEU A 24 36.12 36.14 -2.80
C LEU A 24 36.97 36.38 -1.56
N PHE A 25 38.03 37.17 -1.70
CA PHE A 25 38.82 37.61 -0.55
C PHE A 25 37.95 38.27 0.52
N GLU A 26 37.05 39.17 0.09
CA GLU A 26 36.10 39.86 0.99
C GLU A 26 35.19 38.85 1.71
N LEU A 27 34.60 37.93 0.94
CA LEU A 27 33.75 36.89 1.50
C LEU A 27 34.49 35.98 2.49
N PHE A 28 35.68 35.50 2.10
CA PHE A 28 36.52 34.67 2.99
C PHE A 28 36.79 35.38 4.32
N ARG A 29 37.13 36.66 4.27
CA ARG A 29 37.34 37.48 5.47
C ARG A 29 36.09 37.49 6.36
N ASP A 30 34.94 37.79 5.76
CA ASP A 30 33.62 37.80 6.44
C ASP A 30 33.35 36.48 7.16
N ILE A 31 33.44 35.39 6.41
CA ILE A 31 33.13 34.07 6.95
C ILE A 31 34.14 33.57 7.98
N SER A 32 35.43 33.86 7.76
CA SER A 32 36.48 33.39 8.69
C SER A 32 36.30 33.89 10.15
N LEU A 33 35.57 35.01 10.30
CA LEU A 33 35.24 35.58 11.60
C LEU A 33 34.40 34.61 12.44
N GLU A 34 33.68 33.74 11.73
CA GLU A 34 32.85 32.70 12.34
C GLU A 34 33.70 31.51 12.82
N PHE A 35 34.93 31.41 12.32
CA PHE A 35 35.81 30.27 12.62
C PHE A 35 37.09 30.60 13.37
N ASP A 36 37.31 31.87 13.67
CA ASP A 36 38.51 32.34 14.40
C ASP A 36 38.83 31.60 15.69
N HIS A 37 37.78 31.18 16.39
CA HIS A 37 37.95 30.46 17.63
C HIS A 37 38.26 28.99 17.40
N LEU A 38 38.10 28.51 16.17
CA LEU A 38 38.31 27.09 15.83
C LEU A 38 39.58 26.84 15.02
N ALA A 39 40.07 27.87 14.35
CA ALA A 39 41.21 27.75 13.47
C ALA A 39 42.06 28.99 13.51
N ASN A 40 43.36 28.83 13.25
CA ASN A 40 44.25 29.98 13.00
C ASN A 40 44.24 30.21 11.48
N ILE A 41 43.51 31.23 11.05
CA ILE A 41 43.29 31.50 9.64
C ILE A 41 44.21 32.66 9.21
N THR A 42 44.98 32.46 8.14
CA THR A 42 45.76 33.54 7.55
C THR A 42 45.28 33.71 6.11
N PRO A 43 44.86 34.93 5.72
CA PRO A 43 44.49 35.20 4.33
C PRO A 43 45.71 35.44 3.42
N ILE A 44 45.74 34.79 2.26
CA ILE A 44 46.78 35.07 1.26
C ILE A 44 46.10 35.68 0.03
N GLN A 45 46.56 36.83 -0.41
CA GLN A 45 45.91 37.54 -1.51
C GLN A 45 46.79 37.43 -2.77
N LEU A 46 46.86 36.20 -3.30
CA LEU A 46 47.68 35.86 -4.46
C LEU A 46 46.96 34.78 -5.27
N GLY A 47 47.60 34.34 -6.35
CA GLY A 47 47.05 33.24 -7.13
C GLY A 47 48.13 32.59 -7.93
N PHE A 48 47.84 31.37 -8.40
CA PHE A 48 48.67 30.67 -9.36
C PHE A 48 50.14 30.52 -8.92
N GLU A 49 51.12 30.75 -9.79
CA GLU A 49 52.54 30.56 -9.45
C GLU A 49 53.08 31.38 -8.30
N LYS A 50 52.60 32.62 -8.20
CA LYS A 50 53.03 33.52 -7.14
C LYS A 50 52.55 33.01 -5.78
N ALA A 51 51.30 32.52 -5.74
CA ALA A 51 50.76 31.86 -4.53
C ALA A 51 51.56 30.60 -4.20
N VAL A 52 51.84 29.76 -5.20
CA VAL A 52 52.63 28.55 -4.97
C VAL A 52 54.00 28.86 -4.35
N THR A 53 54.70 29.83 -4.92
CA THR A 53 56.01 30.28 -4.44
C THR A 53 55.98 30.82 -3.01
N TYR A 54 55.02 31.70 -2.73
CA TYR A 54 54.79 32.27 -1.40
C TYR A 54 54.49 31.17 -0.38
N ILE A 55 53.58 30.26 -0.75
CA ILE A 55 53.13 29.18 0.14
C ILE A 55 54.28 28.20 0.43
N ARG A 56 55.04 27.84 -0.60
CA ARG A 56 56.19 26.94 -0.45
C ARG A 56 57.25 27.57 0.45
N LYS A 57 57.50 28.88 0.26
CA LYS A 57 58.45 29.60 1.12
C LYS A 57 57.93 29.82 2.53
N LYS A 58 56.62 29.87 2.68
CA LYS A 58 56.00 30.02 4.00
C LYS A 58 56.07 28.71 4.77
N LEU A 59 55.91 27.60 4.05
CA LEU A 59 55.92 26.24 4.58
C LEU A 59 57.28 25.75 5.05
N ALA A 60 58.34 26.48 4.71
CA ALA A 60 59.67 26.15 5.24
C ALA A 60 59.77 26.48 6.74
N ASN A 61 59.01 27.47 7.18
CA ASN A 61 59.09 27.93 8.56
C ASN A 61 57.87 27.58 9.45
N GLU A 62 56.71 27.39 8.83
CA GLU A 62 55.48 27.15 9.59
C GLU A 62 54.59 26.09 8.95
N ARG A 63 53.85 25.39 9.80
CA ARG A 63 52.94 24.33 9.38
C ARG A 63 51.64 24.92 8.86
N CYS A 64 50.99 24.17 7.99
CA CYS A 64 49.64 24.50 7.53
C CYS A 64 48.89 23.18 7.38
N ASP A 65 47.68 23.13 7.93
CA ASP A 65 46.85 21.94 7.89
C ASP A 65 45.98 21.88 6.63
N ALA A 66 45.51 23.03 6.17
CA ALA A 66 44.69 23.09 4.95
C ALA A 66 44.73 24.46 4.27
N ILE A 67 44.68 24.45 2.95
CA ILE A 67 44.45 25.64 2.15
C ILE A 67 43.01 25.62 1.66
N ILE A 68 42.39 26.80 1.59
CA ILE A 68 41.06 26.91 0.99
C ILE A 68 41.15 27.88 -0.19
N ALA A 69 40.67 27.42 -1.33
CA ALA A 69 40.73 28.19 -2.55
C ALA A 69 39.55 27.80 -3.45
N ALA A 70 39.39 28.51 -4.57
CA ALA A 70 38.21 28.35 -5.42
C ALA A 70 38.64 28.44 -6.88
N GLY A 71 37.82 27.84 -7.74
CA GLY A 71 37.91 28.00 -9.19
C GLY A 71 39.18 27.52 -9.79
N SER A 72 39.56 28.17 -10.89
CA SER A 72 40.78 27.86 -11.63
C SER A 72 42.03 28.03 -10.77
N ASN A 73 42.09 29.10 -9.98
CA ASN A 73 43.20 29.29 -9.02
C ASN A 73 43.35 28.09 -8.08
N GLY A 74 42.27 27.69 -7.43
CA GLY A 74 42.34 26.58 -6.48
C GLY A 74 42.66 25.24 -7.11
N ALA A 75 42.13 25.00 -8.31
CA ALA A 75 42.46 23.78 -9.06
C ALA A 75 43.96 23.70 -9.36
N TYR A 76 44.56 24.85 -9.69
CA TYR A 76 46.00 24.90 -9.95
C TYR A 76 46.80 24.63 -8.67
N LEU A 77 46.43 25.29 -7.59
CA LEU A 77 47.08 25.04 -6.28
C LEU A 77 46.97 23.59 -5.80
N LYS A 78 45.78 23.02 -5.95
CA LYS A 78 45.54 21.61 -5.56
C LYS A 78 46.50 20.61 -6.24
N SER A 79 46.80 20.82 -7.52
CA SER A 79 47.69 19.88 -8.21
C SER A 79 49.18 20.14 -7.97
N ARG A 80 49.51 21.21 -7.23
CA ARG A 80 50.91 21.61 -7.08
C ARG A 80 51.42 21.66 -5.64
N LEU A 81 50.51 21.60 -4.68
CA LEU A 81 50.90 21.62 -3.29
C LEU A 81 50.63 20.25 -2.70
N SER A 82 51.46 19.82 -1.75
CA SER A 82 51.17 18.58 -1.02
C SER A 82 50.46 18.85 0.33
N VAL A 83 50.22 20.13 0.62
CA VAL A 83 49.24 20.53 1.64
C VAL A 83 47.84 20.31 1.05
N PRO A 84 46.91 19.76 1.85
CA PRO A 84 45.53 19.60 1.38
C PRO A 84 44.90 20.94 0.98
N VAL A 85 44.27 20.96 -0.19
CA VAL A 85 43.56 22.13 -0.66
C VAL A 85 42.07 21.80 -0.74
N ILE A 86 41.26 22.51 0.02
CA ILE A 86 39.81 22.36 -0.06
C ILE A 86 39.36 23.31 -1.15
N LEU A 87 38.80 22.72 -2.18
CA LEU A 87 38.54 23.45 -3.37
C LEU A 87 37.07 23.79 -3.39
N ILE A 88 36.75 25.08 -3.36
CA ILE A 88 35.36 25.51 -3.50
C ILE A 88 34.94 25.50 -5.00
N LYS A 89 33.95 24.67 -5.32
CA LYS A 89 33.30 24.68 -6.64
C LYS A 89 31.79 24.79 -6.41
N PRO A 90 31.19 25.88 -6.90
CA PRO A 90 29.75 26.13 -6.74
C PRO A 90 28.91 25.07 -7.44
N SER A 91 27.87 24.59 -6.76
CA SER A 91 26.96 23.69 -7.40
C SER A 91 25.76 24.52 -7.84
N GLY A 92 25.04 23.98 -8.81
CA GLY A 92 23.71 24.44 -9.18
C GLY A 92 22.79 24.52 -7.98
N TYR A 93 22.96 23.59 -7.04
CA TYR A 93 22.08 23.50 -5.88
C TYR A 93 22.33 24.68 -4.94
N ASP A 94 23.58 25.11 -4.79
N ASP A 94 23.61 25.08 -4.83
CA ASP A 94 23.81 26.33 -4.02
CA ASP A 94 24.01 26.30 -4.11
C ASP A 94 23.33 27.60 -4.76
C ASP A 94 23.44 27.57 -4.75
N VAL A 95 23.54 27.63 -6.07
CA VAL A 95 23.03 28.74 -6.88
C VAL A 95 21.49 28.86 -6.74
N LEU A 96 20.79 27.74 -6.90
CA LEU A 96 19.34 27.73 -6.81
C LEU A 96 18.88 28.20 -5.43
N GLN A 97 19.61 27.80 -4.40
CA GLN A 97 19.28 28.18 -3.04
C GLN A 97 19.43 29.68 -2.83
N PHE A 98 20.56 30.24 -3.27
CA PHE A 98 20.79 31.68 -3.20
C PHE A 98 19.73 32.45 -3.96
N LEU A 99 19.44 32.03 -5.20
CA LEU A 99 18.33 32.59 -5.97
C LEU A 99 16.98 32.52 -5.24
N ALA A 100 16.54 31.32 -4.85
CA ALA A 100 15.21 31.18 -4.22
C ALA A 100 15.08 31.98 -2.92
N LYS A 101 16.15 32.00 -2.11
CA LYS A 101 16.20 32.83 -0.90
C LYS A 101 15.93 34.32 -1.22
N ALA A 102 16.64 34.84 -2.21
CA ALA A 102 16.45 36.21 -2.69
C ALA A 102 15.15 36.40 -3.50
N GLY A 103 14.34 35.35 -3.58
CA GLY A 103 13.09 35.38 -4.36
C GLY A 103 13.28 35.70 -5.84
N LYS A 104 14.50 35.53 -6.33
CA LYS A 104 14.80 35.79 -7.74
C LYS A 104 14.69 34.55 -8.63
N LEU A 105 14.30 33.40 -8.07
CA LEU A 105 14.35 32.13 -8.82
C LEU A 105 13.41 32.13 -10.02
N THR A 106 12.36 32.94 -9.95
CA THR A 106 11.34 32.98 -11.00
C THR A 106 11.47 34.25 -11.87
N SER A 107 12.59 34.96 -11.72
CA SER A 107 12.88 36.17 -12.47
C SER A 107 13.71 35.86 -13.71
N SER A 108 14.07 36.90 -14.47
CA SER A 108 14.96 36.72 -15.61
C SER A 108 16.42 36.70 -15.14
N ILE A 109 16.96 35.51 -14.93
CA ILE A 109 18.30 35.33 -14.43
C ILE A 109 19.22 34.89 -15.55
N GLY A 110 20.47 35.39 -15.52
CA GLY A 110 21.55 34.91 -16.38
C GLY A 110 22.60 34.19 -15.56
N VAL A 111 23.24 33.18 -16.14
CA VAL A 111 24.37 32.55 -15.45
C VAL A 111 25.52 32.48 -16.43
N VAL A 112 26.66 33.08 -16.09
CA VAL A 112 27.83 32.99 -17.00
C VAL A 112 29.03 32.42 -16.27
N THR A 113 29.48 31.25 -16.73
CA THR A 113 30.54 30.53 -16.04
C THR A 113 31.74 30.24 -16.95
N TYR A 114 32.90 30.11 -16.33
CA TYR A 114 34.16 29.87 -17.00
C TYR A 114 34.17 28.48 -17.63
N GLN A 115 34.42 28.47 -18.94
CA GLN A 115 34.67 27.26 -19.74
C GLN A 115 33.43 26.41 -20.02
N GLU A 116 32.59 26.18 -19.02
CA GLU A 116 31.39 25.36 -19.25
C GLU A 116 30.26 25.77 -18.32
N THR A 117 29.02 25.48 -18.73
CA THR A 117 27.85 25.66 -17.88
C THR A 117 27.81 24.58 -16.77
N ILE A 118 26.83 24.67 -15.86
CA ILE A 118 26.69 23.72 -14.76
C ILE A 118 25.52 22.79 -15.06
N PRO A 119 25.81 21.48 -15.21
CA PRO A 119 24.79 20.50 -15.64
C PRO A 119 23.59 20.37 -14.70
N ALA A 120 23.83 20.42 -13.39
CA ALA A 120 22.74 20.43 -12.40
C ALA A 120 21.79 21.62 -12.60
N LEU A 121 22.36 22.77 -12.95
CA LEU A 121 21.59 23.97 -13.28
C LEU A 121 20.91 23.83 -14.66
N VAL A 122 21.64 23.28 -15.64
CA VAL A 122 21.05 23.08 -16.97
C VAL A 122 19.81 22.19 -16.84
N ALA A 123 19.94 21.11 -16.07
CA ALA A 123 18.86 20.12 -15.81
C ALA A 123 17.65 20.72 -15.09
N PHE A 124 17.89 21.49 -14.03
CA PHE A 124 16.81 22.12 -13.26
C PHE A 124 16.02 23.11 -14.12
N GLN A 125 16.76 23.88 -14.94
CA GLN A 125 16.16 24.74 -15.96
C GLN A 125 15.29 23.92 -16.92
N LYS A 126 15.80 22.78 -17.38
CA LYS A 126 15.06 21.83 -18.25
C LYS A 126 13.71 21.42 -17.65
N THR A 127 13.77 20.92 -16.42
CA THR A 127 12.60 20.39 -15.72
C THR A 127 11.59 21.47 -15.34
N PHE A 128 12.06 22.58 -14.80
CA PHE A 128 11.17 23.61 -14.25
C PHE A 128 10.78 24.77 -15.19
N ASN A 129 11.17 24.69 -16.47
CA ASN A 129 10.90 25.74 -17.48
C ASN A 129 11.07 27.16 -16.90
N LEU A 130 12.20 27.40 -16.26
CA LEU A 130 12.47 28.65 -15.57
C LEU A 130 13.20 29.62 -16.51
N ARG A 131 13.46 30.84 -16.07
CA ARG A 131 14.15 31.79 -16.93
C ARG A 131 15.60 31.95 -16.48
N LEU A 132 16.34 30.85 -16.59
CA LEU A 132 17.77 30.80 -16.23
C LEU A 132 18.57 30.58 -17.49
N ASP A 133 19.11 31.67 -18.02
CA ASP A 133 19.83 31.74 -19.30
C ASP A 133 21.33 31.48 -19.06
N GLN A 134 21.78 30.28 -19.38
CA GLN A 134 23.11 29.84 -18.95
C GLN A 134 24.11 29.88 -20.10
N ARG A 135 25.25 30.52 -19.83
CA ARG A 135 26.27 30.80 -20.84
C ARG A 135 27.64 30.52 -20.25
N SER A 136 28.62 30.29 -21.13
CA SER A 136 30.02 30.13 -20.71
C SER A 136 30.93 31.19 -21.36
N TYR A 137 32.16 31.32 -20.85
CA TYR A 137 33.17 32.23 -21.44
C TYR A 137 34.58 31.70 -21.15
N ILE A 138 35.57 32.18 -21.88
CA ILE A 138 36.99 31.91 -21.59
C ILE A 138 37.73 33.25 -21.29
N THR A 139 37.55 34.24 -22.16
CA THR A 139 38.32 35.48 -22.09
C THR A 139 37.41 36.64 -21.63
N GLU A 140 38.03 37.75 -21.22
CA GLU A 140 37.27 38.95 -20.83
C GLU A 140 36.36 39.45 -21.96
N GLU A 141 36.91 39.46 -23.18
CA GLU A 141 36.16 39.80 -24.37
C GLU A 141 34.92 38.90 -24.55
N ASP A 142 35.08 37.59 -24.36
CA ASP A 142 33.97 36.61 -24.33
C ASP A 142 32.90 37.03 -23.31
N ALA A 143 33.34 37.23 -22.07
CA ALA A 143 32.47 37.58 -20.95
C ALA A 143 31.69 38.89 -21.21
N ARG A 144 32.39 39.91 -21.71
CA ARG A 144 31.75 41.17 -22.13
C ARG A 144 30.62 40.98 -23.11
N GLY A 145 30.86 40.22 -24.19
CA GLY A 145 29.83 39.92 -25.16
C GLY A 145 28.66 39.12 -24.59
N GLN A 146 28.91 38.17 -23.69
CA GLN A 146 27.82 37.43 -23.07
C GLN A 146 26.96 38.32 -22.17
N ILE A 147 27.61 39.18 -21.38
CA ILE A 147 26.93 40.22 -20.61
C ILE A 147 26.10 41.20 -21.49
N ASN A 148 26.67 41.65 -22.59
CA ASN A 148 25.97 42.58 -23.47
C ASN A 148 24.74 41.90 -24.07
N GLU A 149 24.88 40.64 -24.43
CA GLU A 149 23.75 39.85 -24.92
C GLU A 149 22.66 39.67 -23.85
N LEU A 150 23.03 39.33 -22.63
CA LEU A 150 22.05 39.26 -21.53
C LEU A 150 21.35 40.61 -21.23
N LYS A 151 22.11 41.70 -21.21
CA LYS A 151 21.54 43.02 -21.02
C LYS A 151 20.48 43.27 -22.08
N ALA A 152 20.84 43.01 -23.33
CA ALA A 152 19.98 43.33 -24.47
C ALA A 152 18.68 42.52 -24.52
N ASN A 153 18.65 41.35 -23.84
CA ASN A 153 17.40 40.59 -23.73
C ASN A 153 16.58 40.67 -22.42
N GLY A 154 16.81 41.72 -21.62
CA GLY A 154 15.99 41.99 -20.43
C GLY A 154 16.40 41.26 -19.16
N THR A 155 17.59 40.65 -19.18
CA THR A 155 18.07 39.88 -18.03
C THR A 155 18.22 40.86 -16.89
N GLU A 156 17.74 40.50 -15.70
CA GLU A 156 17.87 41.40 -14.55
C GLU A 156 19.01 41.11 -13.59
N ALA A 157 19.47 39.87 -13.57
CA ALA A 157 20.48 39.48 -12.59
C ALA A 157 21.38 38.44 -13.22
N VAL A 158 22.66 38.50 -12.92
CA VAL A 158 23.57 37.52 -13.52
C VAL A 158 24.39 36.90 -12.41
N VAL A 159 24.43 35.56 -12.43
CA VAL A 159 25.24 34.80 -11.51
C VAL A 159 26.60 34.46 -12.13
N GLY A 160 27.66 34.74 -11.38
CA GLY A 160 29.00 34.42 -11.84
C GLY A 160 30.03 34.77 -10.80
N ALA A 161 31.30 34.52 -11.13
CA ALA A 161 32.45 34.85 -10.29
C ALA A 161 32.79 36.33 -10.41
N GLY A 162 34.02 36.72 -10.10
CA GLY A 162 34.32 38.14 -9.89
C GLY A 162 34.11 39.05 -11.08
N LEU A 163 34.72 38.69 -12.21
CA LEU A 163 34.58 39.40 -13.46
C LEU A 163 33.13 39.52 -13.94
N ILE A 164 32.39 38.41 -13.93
CA ILE A 164 30.99 38.42 -14.37
C ILE A 164 30.09 39.27 -13.46
N THR A 165 30.27 39.17 -12.14
CA THR A 165 29.44 39.98 -11.25
C THR A 165 29.70 41.49 -11.40
N ASP A 166 30.98 41.85 -11.58
CA ASP A 166 31.40 43.23 -11.82
C ASP A 166 30.79 43.77 -13.13
N LEU A 167 30.99 43.03 -14.23
CA LEU A 167 30.45 43.39 -15.53
C LEU A 167 28.94 43.56 -15.53
N ALA A 168 28.26 42.65 -14.84
CA ALA A 168 26.82 42.72 -14.65
C ALA A 168 26.40 44.01 -13.94
N GLU A 169 27.07 44.34 -12.83
CA GLU A 169 26.79 45.61 -12.13
C GLU A 169 27.01 46.88 -13.00
N GLU A 170 28.14 46.90 -13.72
CA GLU A 170 28.43 48.02 -14.63
C GLU A 170 27.38 48.13 -15.73
N ALA A 171 26.80 47.00 -16.11
CA ALA A 171 25.78 46.94 -17.16
C ALA A 171 24.39 47.30 -16.61
N GLY A 172 24.29 47.57 -15.33
CA GLY A 172 23.00 47.94 -14.71
C GLY A 172 22.09 46.77 -14.34
N MET A 173 22.66 45.57 -14.26
CA MET A 173 21.95 44.38 -13.78
C MET A 173 22.41 44.03 -12.35
N THR A 174 21.70 43.16 -11.65
CA THR A 174 22.16 42.68 -10.35
C THR A 174 23.23 41.62 -10.59
N GLY A 175 24.39 41.81 -9.99
CA GLY A 175 25.42 40.74 -9.94
C GLY A 175 25.27 39.88 -8.70
N ILE A 176 25.10 38.58 -8.92
CA ILE A 176 24.97 37.64 -7.81
C ILE A 176 26.25 36.78 -7.78
N PHE A 177 27.07 36.95 -6.75
CA PHE A 177 28.36 36.28 -6.68
C PHE A 177 28.09 34.78 -6.55
N ILE A 178 28.72 33.98 -7.40
CA ILE A 178 28.39 32.56 -7.49
C ILE A 178 28.80 31.80 -6.22
N TYR A 179 29.73 32.37 -5.45
CA TYR A 179 30.10 31.74 -4.17
C TYR A 179 29.27 32.37 -3.07
N SER A 180 28.39 31.57 -2.45
CA SER A 180 27.61 32.06 -1.32
C SER A 180 28.35 31.90 0.02
N ALA A 181 27.85 32.60 1.04
CA ALA A 181 28.29 32.44 2.42
C ALA A 181 28.25 30.98 2.87
N ALA A 182 27.12 30.30 2.61
CA ALA A 182 26.94 28.88 2.88
C ALA A 182 28.03 27.99 2.28
N THR A 183 28.39 28.19 1.01
CA THR A 183 29.46 27.37 0.41
C THR A 183 30.85 27.63 0.98
N VAL A 184 31.15 28.88 1.30
CA VAL A 184 32.40 29.20 1.98
C VAL A 184 32.42 28.60 3.41
N ARG A 185 31.30 28.71 4.11
CA ARG A 185 31.18 28.21 5.46
C ARG A 185 31.42 26.68 5.52
N GLN A 186 30.82 25.97 4.55
CA GLN A 186 31.05 24.54 4.32
C GLN A 186 32.52 24.19 4.09
N ALA A 187 33.22 25.00 3.31
CA ALA A 187 34.65 24.80 3.06
C ALA A 187 35.47 24.90 4.35
N PHE A 188 35.21 25.88 5.19
CA PHE A 188 35.83 25.93 6.53
C PHE A 188 35.53 24.70 7.37
N SER A 189 34.28 24.24 7.34
CA SER A 189 33.90 23.06 8.11
C SER A 189 34.53 21.77 7.60
N ASP A 190 34.65 21.66 6.29
CA ASP A 190 35.34 20.52 5.65
C ASP A 190 36.83 20.48 6.01
N ALA A 191 37.49 21.65 6.02
CA ALA A 191 38.90 21.75 6.43
C ALA A 191 39.09 21.30 7.88
N LEU A 192 38.18 21.72 8.76
CA LEU A 192 38.20 21.31 10.17
C LEU A 192 37.94 19.81 10.32
N ASP A 193 36.89 19.32 9.71
CA ASP A 193 36.61 17.87 9.64
C ASP A 193 37.81 17.03 9.12
N MET A 194 38.35 17.40 7.97
CA MET A 194 39.54 16.71 7.40
C MET A 194 40.67 16.67 8.43
N THR A 195 40.99 17.84 9.01
CA THR A 195 42.04 17.98 10.00
C THR A 195 41.81 17.03 11.19
N ARG A 196 40.57 16.96 11.65
CA ARG A 196 40.14 16.04 12.68
C ARG A 196 40.33 14.57 12.27
N MET A 197 40.03 14.23 11.02
CA MET A 197 40.26 12.89 10.49
C MET A 197 41.72 12.44 10.59
N SER A 198 42.69 13.34 10.36
CA SER A 198 44.12 12.99 10.50
C SER A 198 44.48 12.65 11.94
N LYS B 13 46.26 5.34 -1.02
CA LYS B 13 44.91 5.02 -1.62
C LYS B 13 43.90 4.61 -0.54
N PRO B 14 42.85 5.41 -0.35
CA PRO B 14 41.91 5.24 0.75
C PRO B 14 41.27 3.86 0.81
N VAL B 15 41.03 3.39 2.04
CA VAL B 15 40.26 2.17 2.29
C VAL B 15 38.89 2.67 2.83
N ILE B 16 37.83 2.42 2.08
CA ILE B 16 36.49 2.92 2.39
C ILE B 16 35.53 1.77 2.57
N TRP B 17 34.75 1.80 3.66
CA TRP B 17 33.64 0.86 3.82
C TRP B 17 32.31 1.59 3.64
N THR B 18 31.48 1.09 2.75
CA THR B 18 30.20 1.72 2.55
C THR B 18 29.26 0.86 3.36
N VAL B 19 28.35 1.50 4.09
CA VAL B 19 27.40 0.77 4.92
C VAL B 19 25.98 1.24 4.59
N SER B 20 25.20 0.29 4.06
CA SER B 20 23.84 0.56 3.62
C SER B 20 23.09 -0.76 3.37
N VAL B 21 21.77 -0.64 3.22
CA VAL B 21 20.91 -1.78 2.91
C VAL B 21 20.03 -1.43 1.70
N THR B 22 19.45 -2.46 1.08
CA THR B 22 18.43 -2.35 0.01
C THR B 22 18.63 -1.26 -1.08
N ARG B 23 17.73 -0.26 -1.16
CA ARG B 23 17.78 0.75 -2.23
C ARG B 23 19.06 1.55 -2.27
N LEU B 24 19.47 2.06 -1.12
CA LEU B 24 20.70 2.83 -1.03
C LEU B 24 21.94 1.96 -1.30
N PHE B 25 21.93 0.74 -0.78
CA PHE B 25 22.96 -0.25 -1.12
C PHE B 25 23.18 -0.41 -2.64
N GLU B 26 22.09 -0.49 -3.39
CA GLU B 26 22.11 -0.65 -4.85
C GLU B 26 22.77 0.55 -5.52
N LEU B 27 22.44 1.74 -5.03
CA LEU B 27 23.03 3.00 -5.51
C LEU B 27 24.52 3.08 -5.18
N PHE B 28 24.87 2.79 -3.94
CA PHE B 28 26.28 2.75 -3.54
C PHE B 28 27.09 1.78 -4.41
N ARG B 29 26.50 0.63 -4.75
CA ARG B 29 27.16 -0.43 -5.55
C ARG B 29 27.51 0.06 -6.95
N ASP B 30 26.52 0.69 -7.59
CA ASP B 30 26.65 1.33 -8.91
C ASP B 30 27.72 2.42 -8.88
N ILE B 31 27.67 3.28 -7.86
CA ILE B 31 28.60 4.42 -7.77
C ILE B 31 30.04 4.00 -7.40
N SER B 32 30.17 2.99 -6.53
CA SER B 32 31.50 2.44 -6.23
C SER B 32 32.25 1.96 -7.50
N LEU B 33 31.54 1.42 -8.50
CA LEU B 33 32.17 1.01 -9.77
C LEU B 33 32.91 2.16 -10.48
N GLU B 34 32.52 3.40 -10.18
CA GLU B 34 33.12 4.57 -10.83
C GLU B 34 34.35 5.04 -10.08
N PHE B 35 34.48 4.56 -8.85
CA PHE B 35 35.54 5.00 -7.93
C PHE B 35 36.58 3.92 -7.58
N ASP B 36 36.49 2.76 -8.23
CA ASP B 36 37.27 1.58 -7.82
C ASP B 36 38.80 1.67 -8.04
N HIS B 37 39.23 2.63 -8.86
CA HIS B 37 40.63 2.87 -9.13
C HIS B 37 41.21 3.88 -8.14
N LEU B 38 40.32 4.54 -7.40
CA LEU B 38 40.66 5.64 -6.51
C LEU B 38 40.59 5.25 -5.03
N ALA B 39 39.83 4.22 -4.70
CA ALA B 39 39.76 3.69 -3.34
C ALA B 39 39.61 2.18 -3.39
N ASN B 40 39.97 1.53 -2.27
CA ASN B 40 39.61 0.13 -2.05
C ASN B 40 38.28 0.10 -1.27
N ILE B 41 37.20 -0.17 -1.98
CA ILE B 41 35.87 -0.08 -1.39
C ILE B 41 35.32 -1.45 -1.02
N THR B 42 34.81 -1.57 0.20
CA THR B 42 34.15 -2.78 0.66
C THR B 42 32.72 -2.42 1.07
N PRO B 43 31.71 -3.01 0.40
CA PRO B 43 30.33 -2.80 0.79
C PRO B 43 29.92 -3.62 2.01
N ILE B 44 29.24 -2.99 2.97
CA ILE B 44 28.71 -3.76 4.12
C ILE B 44 27.20 -3.55 4.18
N GLN B 45 26.45 -4.63 4.02
CA GLN B 45 24.99 -4.55 3.91
C GLN B 45 24.34 -4.81 5.26
N LEU B 46 24.51 -3.86 6.18
CA LEU B 46 24.09 -4.00 7.56
C LEU B 46 23.61 -2.65 8.07
N GLY B 47 22.86 -2.65 9.17
CA GLY B 47 22.42 -1.40 9.78
C GLY B 47 22.41 -1.53 11.30
N PHE B 48 22.68 -0.42 11.99
CA PHE B 48 22.45 -0.27 13.42
C PHE B 48 23.33 -1.15 14.29
N GLU B 49 22.77 -1.75 15.32
CA GLU B 49 23.51 -2.59 16.25
C GLU B 49 24.29 -3.74 15.53
N LYS B 50 23.61 -4.44 14.63
CA LYS B 50 24.19 -5.49 13.79
C LYS B 50 25.43 -4.98 12.99
N ALA B 51 25.30 -3.78 12.42
CA ALA B 51 26.40 -3.11 11.68
C ALA B 51 27.55 -2.75 12.60
N VAL B 52 27.24 -2.14 13.74
CA VAL B 52 28.29 -1.75 14.66
C VAL B 52 29.04 -2.96 15.21
N THR B 53 28.29 -3.98 15.59
CA THR B 53 28.86 -5.24 16.09
C THR B 53 29.84 -5.86 15.09
N TYR B 54 29.40 -6.01 13.84
CA TYR B 54 30.26 -6.54 12.81
C TYR B 54 31.45 -5.62 12.46
N ILE B 55 31.20 -4.35 12.26
CA ILE B 55 32.27 -3.42 11.92
C ILE B 55 33.37 -3.40 12.97
N ARG B 56 32.98 -3.41 14.26
CA ARG B 56 33.95 -3.50 15.35
C ARG B 56 34.85 -4.73 15.25
N LYS B 57 34.26 -5.87 14.89
CA LYS B 57 35.02 -7.10 14.71
C LYS B 57 35.98 -6.96 13.53
N LYS B 58 35.46 -6.47 12.40
CA LYS B 58 36.30 -6.25 11.21
C LYS B 58 37.48 -5.29 11.44
N LEU B 59 37.22 -4.18 12.14
CA LEU B 59 38.27 -3.21 12.48
C LEU B 59 39.44 -3.79 13.26
N ALA B 60 39.18 -4.84 14.03
CA ALA B 60 40.21 -5.54 14.79
C ALA B 60 41.21 -6.27 13.89
N ASN B 61 40.86 -6.53 12.62
CA ASN B 61 41.78 -7.23 11.71
C ASN B 61 42.19 -6.44 10.47
N GLU B 62 41.40 -5.43 10.13
CA GLU B 62 41.57 -4.65 8.89
C GLU B 62 41.52 -3.12 9.09
N ARG B 63 42.31 -2.41 8.28
CA ARG B 63 42.32 -0.93 8.24
C ARG B 63 41.02 -0.42 7.65
N CYS B 64 40.50 0.65 8.20
CA CYS B 64 39.45 1.41 7.53
C CYS B 64 39.80 2.87 7.62
N ASP B 65 39.80 3.58 6.49
CA ASP B 65 40.07 5.00 6.53
C ASP B 65 38.83 5.84 6.78
N ALA B 66 37.71 5.44 6.19
CA ALA B 66 36.43 6.10 6.44
C ALA B 66 35.27 5.20 6.05
N ILE B 67 34.14 5.47 6.68
CA ILE B 67 32.90 4.82 6.33
C ILE B 67 32.02 5.79 5.62
N ILE B 68 31.30 5.32 4.60
CA ILE B 68 30.31 6.19 3.97
C ILE B 68 28.93 5.64 4.31
N ALA B 69 28.04 6.49 4.83
CA ALA B 69 26.71 6.04 5.22
C ALA B 69 25.74 7.22 5.12
N ALA B 70 24.53 7.03 5.62
CA ALA B 70 23.45 7.97 5.39
C ALA B 70 22.34 7.80 6.42
N GLY B 71 21.60 8.87 6.61
CA GLY B 71 20.42 8.91 7.47
C GLY B 71 20.58 8.37 8.87
N SER B 72 19.53 7.67 9.29
CA SER B 72 19.39 7.13 10.63
C SER B 72 20.51 6.15 10.96
N ASN B 73 20.75 5.21 10.04
CA ASN B 73 21.86 4.26 10.19
C ASN B 73 23.21 4.96 10.27
N GLY B 74 23.43 5.94 9.40
CA GLY B 74 24.69 6.68 9.37
C GLY B 74 24.96 7.39 10.69
N ALA B 75 23.91 7.99 11.28
CA ALA B 75 24.07 8.67 12.57
C ALA B 75 24.35 7.66 13.69
N TYR B 76 23.72 6.48 13.64
CA TYR B 76 23.96 5.44 14.65
C TYR B 76 25.44 5.00 14.61
N LEU B 77 26.00 4.78 13.41
CA LEU B 77 27.40 4.39 13.27
C LEU B 77 28.37 5.46 13.76
N LYS B 78 28.11 6.70 13.36
CA LYS B 78 28.97 7.82 13.68
C LYS B 78 29.08 8.03 15.19
N SER B 79 27.96 7.89 15.91
CA SER B 79 27.99 8.00 17.36
C SER B 79 28.64 6.80 18.05
N ARG B 80 28.78 5.67 17.36
CA ARG B 80 29.31 4.44 18.01
C ARG B 80 30.75 4.08 17.69
N LEU B 81 31.28 4.64 16.61
CA LEU B 81 32.55 4.18 16.04
C LEU B 81 33.67 5.23 16.09
N SER B 82 34.90 4.74 16.28
CA SER B 82 36.08 5.60 16.33
C SER B 82 36.73 5.80 14.93
N VAL B 83 36.13 5.20 13.90
CA VAL B 83 36.52 5.48 12.52
C VAL B 83 35.66 6.64 11.96
N PRO B 84 36.24 7.51 11.11
CA PRO B 84 35.42 8.58 10.52
C PRO B 84 34.24 8.02 9.73
N VAL B 85 33.07 8.64 9.93
CA VAL B 85 31.85 8.24 9.20
C VAL B 85 31.43 9.47 8.40
N ILE B 86 31.36 9.29 7.08
CA ILE B 86 30.94 10.41 6.19
C ILE B 86 29.49 10.23 5.77
N LEU B 87 28.66 11.20 6.09
CA LEU B 87 27.22 11.07 5.89
C LEU B 87 26.72 11.81 4.65
N ILE B 88 25.94 11.11 3.86
CA ILE B 88 25.29 11.74 2.71
C ILE B 88 23.97 12.33 3.18
N LYS B 89 23.85 13.61 2.97
CA LYS B 89 22.68 14.37 3.37
C LYS B 89 21.70 14.34 2.23
N PRO B 90 20.39 14.21 2.53
CA PRO B 90 19.37 14.38 1.50
C PRO B 90 19.35 15.83 0.95
N SER B 91 19.12 15.95 -0.35
CA SER B 91 19.16 17.22 -1.03
C SER B 91 17.75 17.69 -1.44
N GLY B 92 17.42 18.94 -1.16
CA GLY B 92 16.18 19.55 -1.65
C GLY B 92 16.07 19.58 -3.17
N TYR B 93 17.22 19.60 -3.82
CA TYR B 93 17.33 19.46 -5.28
C TYR B 93 16.84 18.11 -5.78
N ASP B 94 17.22 17.03 -5.07
CA ASP B 94 16.74 15.67 -5.35
C ASP B 94 15.24 15.53 -5.10
N VAL B 95 14.75 16.09 -3.99
CA VAL B 95 13.32 16.14 -3.72
C VAL B 95 12.56 16.73 -4.92
N LEU B 96 13.02 17.87 -5.44
CA LEU B 96 12.30 18.51 -6.55
C LEU B 96 12.43 17.72 -7.87
N GLN B 97 13.64 17.35 -8.23
CA GLN B 97 13.91 16.57 -9.44
C GLN B 97 13.23 15.21 -9.50
N PHE B 98 13.26 14.45 -8.40
CA PHE B 98 12.55 13.17 -8.36
C PHE B 98 11.02 13.27 -8.25
N LEU B 99 10.51 14.30 -7.60
CA LEU B 99 9.09 14.67 -7.72
C LEU B 99 8.69 14.93 -9.18
N ALA B 100 9.50 15.73 -9.88
CA ALA B 100 9.27 16.02 -11.29
C ALA B 100 9.32 14.74 -12.13
N LYS B 101 10.26 13.86 -11.80
CA LYS B 101 10.46 12.62 -12.55
C LYS B 101 9.28 11.64 -12.37
N ALA B 102 8.68 11.65 -11.18
CA ALA B 102 7.58 10.76 -10.83
C ALA B 102 6.22 11.23 -11.34
N GLY B 103 6.18 12.48 -11.80
CA GLY B 103 4.93 13.11 -12.23
C GLY B 103 4.06 13.50 -11.06
N LYS B 104 4.69 13.98 -9.98
CA LYS B 104 3.99 14.28 -8.73
C LYS B 104 4.04 15.73 -8.25
N LEU B 105 4.55 16.66 -9.08
CA LEU B 105 4.74 18.05 -8.65
C LEU B 105 3.45 18.77 -8.24
N THR B 106 2.33 18.30 -8.78
CA THR B 106 1.03 18.88 -8.47
C THR B 106 0.16 17.95 -7.59
N SER B 107 0.81 16.97 -6.97
CA SER B 107 0.16 16.05 -6.02
C SER B 107 0.32 16.52 -4.59
N SER B 108 -0.47 15.94 -3.69
CA SER B 108 -0.33 16.19 -2.27
C SER B 108 0.92 15.44 -1.80
N ILE B 109 1.95 16.19 -1.41
CA ILE B 109 3.28 15.61 -1.12
C ILE B 109 3.70 15.68 0.34
N GLY B 110 4.28 14.59 0.83
CA GLY B 110 4.95 14.56 2.12
C GLY B 110 6.43 14.32 1.89
N VAL B 111 7.25 14.89 2.77
CA VAL B 111 8.69 14.59 2.79
C VAL B 111 9.04 14.24 4.23
N VAL B 112 9.66 13.07 4.44
CA VAL B 112 10.04 12.66 5.80
C VAL B 112 11.51 12.26 5.83
N THR B 113 12.28 13.01 6.63
CA THR B 113 13.70 12.78 6.77
C THR B 113 14.07 12.52 8.24
N TYR B 114 15.17 11.81 8.44
CA TYR B 114 15.67 11.54 9.78
C TYR B 114 16.09 12.85 10.46
N GLN B 115 15.54 13.07 11.67
CA GLN B 115 16.04 14.09 12.62
C GLN B 115 15.67 15.52 12.26
N GLU B 116 15.93 15.88 11.01
CA GLU B 116 15.73 17.23 10.54
C GLU B 116 15.02 17.25 9.21
N THR B 117 14.18 18.26 9.06
CA THR B 117 13.65 18.78 7.81
C THR B 117 14.80 19.29 6.91
N ILE B 118 14.54 19.45 5.62
CA ILE B 118 15.54 19.96 4.68
C ILE B 118 15.36 21.49 4.56
N PRO B 119 16.30 22.27 5.12
CA PRO B 119 16.06 23.70 5.28
C PRO B 119 15.92 24.41 3.94
N ALA B 120 16.61 23.91 2.92
CA ALA B 120 16.54 24.44 1.56
C ALA B 120 15.15 24.36 0.89
N LEU B 121 14.32 23.41 1.32
CA LEU B 121 13.02 23.18 0.69
C LEU B 121 11.98 24.22 1.02
N VAL B 122 12.13 24.88 2.17
CA VAL B 122 11.25 25.95 2.63
C VAL B 122 11.19 27.15 1.69
N ALA B 123 12.32 27.46 1.04
CA ALA B 123 12.39 28.53 0.06
C ALA B 123 11.90 28.08 -1.32
N PHE B 124 12.19 26.82 -1.67
CA PHE B 124 11.78 26.27 -2.97
C PHE B 124 10.26 26.09 -3.12
N GLN B 125 9.59 25.63 -2.07
CA GLN B 125 8.12 25.45 -2.14
C GLN B 125 7.38 26.76 -1.96
N LYS B 126 8.03 27.71 -1.27
CA LYS B 126 7.61 29.12 -1.26
C LYS B 126 7.75 29.76 -2.64
N THR B 127 8.65 29.22 -3.46
CA THR B 127 8.76 29.62 -4.86
C THR B 127 7.90 28.66 -5.69
N ARG B 131 2.32 22.10 -2.59
CA ARG B 131 1.53 21.29 -1.66
C ARG B 131 2.42 20.22 -1.02
N LEU B 132 3.15 20.63 0.02
CA LEU B 132 4.30 19.89 0.53
C LEU B 132 4.38 19.92 2.06
N ASP B 133 4.19 18.75 2.68
CA ASP B 133 4.19 18.60 4.13
C ASP B 133 5.52 17.97 4.60
N GLN B 134 6.37 18.78 5.20
CA GLN B 134 7.71 18.36 5.59
C GLN B 134 7.78 17.94 7.05
N ARG B 135 8.18 16.68 7.26
CA ARG B 135 8.20 16.03 8.57
C ARG B 135 9.59 15.41 8.82
N SER B 136 9.83 15.03 10.07
CA SER B 136 11.05 14.35 10.48
C SER B 136 10.74 13.21 11.44
N TYR B 137 11.66 12.26 11.55
CA TYR B 137 11.52 11.15 12.50
C TYR B 137 12.86 10.87 13.18
N ILE B 138 12.81 10.16 14.29
CA ILE B 138 14.01 9.71 15.01
C ILE B 138 14.02 8.18 15.00
N THR B 139 12.89 7.60 15.42
CA THR B 139 12.75 6.15 15.57
C THR B 139 11.85 5.59 14.46
N GLU B 140 11.81 4.27 14.33
CA GLU B 140 10.91 3.62 13.40
C GLU B 140 9.42 3.87 13.76
N GLU B 141 9.08 3.81 15.06
CA GLU B 141 7.73 4.18 15.50
C GLU B 141 7.36 5.62 15.10
N ASP B 142 8.28 6.57 15.29
CA ASP B 142 8.07 7.93 14.76
C ASP B 142 7.74 7.88 13.27
N ALA B 143 8.54 7.13 12.51
CA ALA B 143 8.41 7.05 11.04
C ALA B 143 7.01 6.57 10.62
N ARG B 144 6.57 5.46 11.22
CA ARG B 144 5.23 4.91 10.98
C ARG B 144 4.15 5.89 11.40
N GLY B 145 4.37 6.57 12.53
CA GLY B 145 3.49 7.66 12.96
C GLY B 145 3.29 8.77 11.95
N GLN B 146 4.38 9.22 11.33
CA GLN B 146 4.33 10.28 10.31
C GLN B 146 3.67 9.78 9.04
N ILE B 147 4.01 8.56 8.64
CA ILE B 147 3.45 7.94 7.45
C ILE B 147 1.94 7.80 7.61
N ASN B 148 1.51 7.32 8.79
CA ASN B 148 0.09 7.23 9.11
C ASN B 148 -0.66 8.55 9.15
N GLU B 149 -0.04 9.58 9.71
CA GLU B 149 -0.63 10.94 9.69
C GLU B 149 -0.73 11.47 8.26
N LEU B 150 0.28 11.18 7.44
CA LEU B 150 0.29 11.60 6.04
C LEU B 150 -0.81 10.93 5.22
N LYS B 151 -0.95 9.62 5.37
CA LYS B 151 -2.05 8.86 4.76
C LYS B 151 -3.42 9.41 5.18
N ALA B 152 -3.55 9.79 6.44
CA ALA B 152 -4.80 10.35 7.01
C ALA B 152 -5.13 11.77 6.54
N ASN B 153 -4.17 12.44 5.91
CA ASN B 153 -4.36 13.81 5.41
C ASN B 153 -4.60 13.86 3.90
N GLY B 154 -4.75 12.70 3.28
CA GLY B 154 -4.90 12.59 1.82
C GLY B 154 -3.63 12.80 1.00
N THR B 155 -2.48 12.50 1.60
CA THR B 155 -1.20 12.63 0.89
C THR B 155 -1.07 11.51 -0.14
N GLU B 156 -0.58 11.83 -1.33
CA GLU B 156 -0.48 10.85 -2.44
C GLU B 156 0.91 10.24 -2.61
N ALA B 157 1.94 11.05 -2.42
CA ALA B 157 3.31 10.61 -2.58
C ALA B 157 4.19 11.10 -1.43
N VAL B 158 5.15 10.28 -1.02
CA VAL B 158 6.04 10.62 0.08
C VAL B 158 7.47 10.36 -0.35
N VAL B 159 8.29 11.39 -0.20
CA VAL B 159 9.72 11.34 -0.53
C VAL B 159 10.50 11.13 0.75
N GLY B 160 11.38 10.13 0.76
CA GLY B 160 12.25 9.87 1.89
C GLY B 160 13.24 8.84 1.46
N ALA B 161 14.04 8.37 2.41
CA ALA B 161 14.98 7.31 2.18
C ALA B 161 14.32 5.91 2.24
N GLY B 162 15.12 4.87 2.47
CA GLY B 162 14.65 3.48 2.32
C GLY B 162 13.46 3.11 3.18
N LEU B 163 13.52 3.48 4.45
CA LEU B 163 12.47 3.11 5.38
C LEU B 163 11.14 3.81 5.07
N ILE B 164 11.20 5.13 4.90
CA ILE B 164 10.02 5.96 4.56
C ILE B 164 9.40 5.55 3.22
N THR B 165 10.25 5.25 2.24
CA THR B 165 9.79 4.79 0.93
C THR B 165 9.02 3.47 1.02
N ASP B 166 9.58 2.50 1.77
CA ASP B 166 8.89 1.22 2.04
C ASP B 166 7.55 1.45 2.73
N LEU B 167 7.58 2.23 3.81
CA LEU B 167 6.37 2.54 4.59
C LEU B 167 5.29 3.21 3.76
N ALA B 168 5.69 4.21 2.95
CA ALA B 168 4.74 4.92 2.11
C ALA B 168 4.03 3.96 1.16
N GLU B 169 4.82 3.09 0.51
CA GLU B 169 4.31 2.11 -0.44
C GLU B 169 3.37 1.15 0.27
N GLU B 170 3.80 0.65 1.43
CA GLU B 170 2.99 -0.33 2.17
C GLU B 170 1.66 0.27 2.65
N ALA B 171 1.66 1.60 2.84
CA ALA B 171 0.51 2.36 3.30
C ALA B 171 -0.48 2.64 2.16
N GLY B 172 -0.02 2.47 0.92
CA GLY B 172 -0.88 2.66 -0.25
C GLY B 172 -0.60 3.95 -0.98
N MET B 173 0.52 4.59 -0.62
CA MET B 173 0.97 5.82 -1.28
C MET B 173 2.09 5.52 -2.26
N THR B 174 2.45 6.53 -3.05
CA THR B 174 3.63 6.47 -3.88
C THR B 174 4.86 6.83 -3.03
N GLY B 175 5.78 5.89 -2.90
CA GLY B 175 7.06 6.15 -2.25
C GLY B 175 8.06 6.55 -3.30
N ILE B 176 8.76 7.67 -3.05
CA ILE B 176 9.78 8.22 -3.95
C ILE B 176 11.11 8.32 -3.21
N PHE B 177 12.10 7.59 -3.68
CA PHE B 177 13.40 7.50 -3.01
C PHE B 177 14.15 8.82 -3.20
N ILE B 178 14.62 9.35 -2.07
CA ILE B 178 15.13 10.70 -1.98
C ILE B 178 16.57 10.91 -2.56
N TYR B 179 17.31 9.83 -2.76
CA TYR B 179 18.68 9.94 -3.33
C TYR B 179 18.78 9.58 -4.80
N SER B 180 19.50 10.42 -5.53
CA SER B 180 19.77 10.18 -6.94
C SER B 180 21.23 9.76 -7.15
N ALA B 181 21.49 9.10 -8.27
CA ALA B 181 22.84 8.73 -8.70
C ALA B 181 23.79 9.93 -8.58
N ALA B 182 23.39 11.06 -9.15
CA ALA B 182 24.17 12.30 -9.18
C ALA B 182 24.63 12.79 -7.79
N THR B 183 23.72 12.82 -6.83
CA THR B 183 24.07 13.22 -5.45
C THR B 183 25.01 12.21 -4.80
N VAL B 184 24.72 10.92 -4.99
CA VAL B 184 25.59 9.91 -4.45
C VAL B 184 27.00 9.98 -5.05
N ARG B 185 27.08 10.10 -6.37
CA ARG B 185 28.34 10.27 -7.11
C ARG B 185 29.16 11.45 -6.57
N GLN B 186 28.52 12.61 -6.43
CA GLN B 186 29.23 13.79 -5.88
C GLN B 186 29.70 13.53 -4.44
N ALA B 187 28.84 12.92 -3.62
CA ALA B 187 29.20 12.66 -2.22
C ALA B 187 30.39 11.71 -2.17
N PHE B 188 30.42 10.70 -3.05
CA PHE B 188 31.55 9.76 -3.10
C PHE B 188 32.82 10.45 -3.48
N SER B 189 32.75 11.31 -4.50
CA SER B 189 33.89 12.13 -4.95
C SER B 189 34.45 13.00 -3.82
N ASP B 190 33.56 13.70 -3.11
CA ASP B 190 34.02 14.56 -2.01
C ASP B 190 34.59 13.74 -0.87
N ALA B 191 33.95 12.62 -0.53
CA ALA B 191 34.42 11.76 0.57
C ALA B 191 35.81 11.14 0.29
N LEU B 192 36.03 10.69 -0.94
CA LEU B 192 37.37 10.17 -1.28
C LEU B 192 38.44 11.26 -1.25
N ASP B 193 38.11 12.44 -1.77
CA ASP B 193 38.99 13.63 -1.64
C ASP B 193 39.36 13.91 -0.18
N MET B 194 38.36 14.07 0.68
CA MET B 194 38.58 14.28 2.12
C MET B 194 39.46 13.21 2.79
N THR B 195 39.15 11.96 2.49
CA THR B 195 39.90 10.81 3.02
C THR B 195 41.33 10.83 2.50
N ARG B 196 41.52 11.09 1.21
CA ARG B 196 42.85 11.19 0.62
C ARG B 196 43.61 12.36 1.24
N MET B 197 42.97 13.52 1.33
CA MET B 197 43.61 14.68 2.00
C MET B 197 44.01 14.30 3.43
N SER B 198 43.11 13.59 4.11
CA SER B 198 43.34 13.15 5.49
C SER B 198 44.53 12.20 5.73
N LEU B 199 44.99 11.50 4.69
CA LEU B 199 46.07 10.52 4.83
C LEU B 199 47.48 11.09 4.75
N LYS C 13 -8.89 -33.74 0.06
CA LYS C 13 -10.36 -33.62 -0.17
C LYS C 13 -11.07 -33.69 1.17
N PRO C 14 -11.94 -32.70 1.47
CA PRO C 14 -12.77 -32.82 2.69
C PRO C 14 -13.65 -34.07 2.71
N VAL C 15 -13.78 -34.68 3.88
CA VAL C 15 -14.72 -35.80 4.09
C VAL C 15 -16.04 -35.19 4.59
N ILE C 16 -17.11 -35.33 3.81
CA ILE C 16 -18.38 -34.66 4.15
C ILE C 16 -19.54 -35.64 4.30
N TRP C 17 -20.28 -35.60 5.43
CA TRP C 17 -21.54 -36.36 5.49
C TRP C 17 -22.78 -35.49 5.33
N THR C 18 -23.71 -35.87 4.44
CA THR C 18 -24.94 -35.08 4.28
C THR C 18 -26.08 -35.83 4.94
N VAL C 19 -26.92 -35.14 5.71
CA VAL C 19 -27.95 -35.81 6.49
C VAL C 19 -29.26 -35.14 6.19
N SER C 20 -30.16 -35.93 5.64
CA SER C 20 -31.45 -35.46 5.13
C SER C 20 -32.32 -36.63 4.82
N VAL C 21 -33.60 -36.36 4.63
CA VAL C 21 -34.58 -37.39 4.26
C VAL C 21 -35.43 -36.79 3.13
N THR C 22 -36.08 -37.69 2.40
CA THR C 22 -37.13 -37.37 1.44
C THR C 22 -36.74 -36.29 0.40
N ARG C 23 -37.39 -35.12 0.39
CA ARG C 23 -37.19 -34.12 -0.68
C ARG C 23 -35.81 -33.50 -0.64
N LEU C 24 -35.41 -33.06 0.55
CA LEU C 24 -34.08 -32.51 0.72
C LEU C 24 -33.04 -33.57 0.35
N PHE C 25 -33.30 -34.84 0.69
CA PHE C 25 -32.38 -35.94 0.38
C PHE C 25 -32.12 -36.03 -1.13
N GLU C 26 -33.17 -35.85 -1.92
CA GLU C 26 -33.08 -35.99 -3.38
C GLU C 26 -32.25 -34.87 -3.98
N LEU C 27 -32.47 -33.65 -3.48
CA LEU C 27 -31.70 -32.46 -3.83
C LEU C 27 -30.24 -32.60 -3.41
N PHE C 28 -29.98 -33.03 -2.18
CA PHE C 28 -28.62 -33.32 -1.72
C PHE C 28 -27.90 -34.29 -2.67
N ARG C 29 -28.61 -35.35 -3.07
CA ARG C 29 -28.10 -36.38 -3.95
C ARG C 29 -27.73 -35.86 -5.35
N ASP C 30 -28.66 -35.13 -5.98
CA ASP C 30 -28.37 -34.45 -7.25
C ASP C 30 -27.10 -33.57 -7.15
N ILE C 31 -27.05 -32.69 -6.15
CA ILE C 31 -25.97 -31.69 -6.00
C ILE C 31 -24.61 -32.29 -5.67
N SER C 32 -24.59 -33.30 -4.81
CA SER C 32 -23.35 -33.93 -4.43
C SER C 32 -22.65 -34.62 -5.64
N LEU C 33 -23.40 -35.04 -6.66
CA LEU C 33 -22.80 -35.52 -7.90
C LEU C 33 -21.94 -34.44 -8.59
N GLU C 34 -22.23 -33.18 -8.33
CA GLU C 34 -21.47 -32.06 -8.93
C GLU C 34 -20.15 -31.81 -8.19
N PHE C 35 -20.07 -32.28 -6.95
CA PHE C 35 -18.93 -32.01 -6.06
C PHE C 35 -18.14 -33.25 -5.68
N ASP C 36 -18.50 -34.38 -6.29
CA ASP C 36 -17.99 -35.71 -5.95
C ASP C 36 -16.49 -35.84 -6.14
N HIS C 37 -15.94 -34.98 -7.00
CA HIS C 37 -14.53 -34.92 -7.29
C HIS C 37 -13.79 -33.96 -6.36
N LEU C 38 -14.53 -33.17 -5.59
CA LEU C 38 -13.97 -32.14 -4.70
C LEU C 38 -14.05 -32.52 -3.20
N ALA C 39 -14.87 -33.51 -2.89
CA ALA C 39 -15.04 -34.01 -1.52
C ALA C 39 -15.41 -35.50 -1.59
N ASN C 40 -15.15 -36.22 -0.53
CA ASN C 40 -15.68 -37.56 -0.35
C ASN C 40 -17.00 -37.45 0.44
N ILE C 41 -18.12 -37.62 -0.26
CA ILE C 41 -19.44 -37.32 0.33
C ILE C 41 -20.16 -38.63 0.62
N THR C 42 -20.62 -38.78 1.86
CA THR C 42 -21.42 -39.93 2.21
C THR C 42 -22.81 -39.40 2.58
N PRO C 43 -23.86 -39.81 1.83
CA PRO C 43 -25.21 -39.43 2.27
C PRO C 43 -25.79 -40.33 3.41
N ILE C 44 -26.47 -39.70 4.36
CA ILE C 44 -27.12 -40.44 5.45
C ILE C 44 -28.60 -40.02 5.50
N GLN C 45 -29.47 -41.00 5.29
CA GLN C 45 -30.88 -40.71 5.10
C GLN C 45 -31.64 -40.96 6.41
N LEU C 46 -31.34 -40.14 7.42
CA LEU C 46 -31.85 -40.28 8.79
C LEU C 46 -32.15 -38.90 9.36
N GLY C 47 -32.92 -38.85 10.46
CA GLY C 47 -33.17 -37.58 11.17
C GLY C 47 -33.19 -37.75 12.68
N PHE C 48 -32.98 -36.64 13.40
CA PHE C 48 -33.22 -36.57 14.85
C PHE C 48 -32.52 -37.67 15.64
N GLU C 49 -33.21 -38.38 16.55
CA GLU C 49 -32.51 -39.34 17.44
C GLU C 49 -31.79 -40.49 16.72
N LYS C 50 -32.45 -41.07 15.72
CA LYS C 50 -31.89 -42.12 14.85
C LYS C 50 -30.61 -41.71 14.14
N ALA C 51 -30.61 -40.50 13.59
CA ALA C 51 -29.42 -39.93 12.95
C ALA C 51 -28.28 -39.77 13.95
N VAL C 52 -28.53 -39.12 15.09
CA VAL C 52 -27.49 -38.94 16.11
C VAL C 52 -26.93 -40.28 16.59
N THR C 53 -27.80 -41.24 16.86
CA THR C 53 -27.36 -42.56 17.35
C THR C 53 -26.43 -43.22 16.31
N TYR C 54 -26.82 -43.22 15.03
CA TYR C 54 -26.01 -43.83 14.00
C TYR C 54 -24.69 -43.06 13.75
N ILE C 55 -24.80 -41.73 13.66
CA ILE C 55 -23.66 -40.87 13.37
C ILE C 55 -22.56 -40.98 14.43
N ARG C 56 -22.93 -41.04 15.71
CA ARG C 56 -21.94 -41.27 16.80
C ARG C 56 -21.15 -42.56 16.63
N LYS C 57 -21.85 -43.63 16.24
CA LYS C 57 -21.20 -44.93 15.97
C LYS C 57 -20.23 -44.80 14.81
N LYS C 58 -20.69 -44.19 13.72
CA LYS C 58 -19.86 -43.98 12.54
C LYS C 58 -18.64 -43.10 12.84
N LEU C 59 -18.85 -42.05 13.63
CA LEU C 59 -17.77 -41.12 14.09
C LEU C 59 -16.70 -41.79 14.96
N ALA C 60 -17.11 -42.78 15.75
CA ALA C 60 -16.16 -43.58 16.52
C ALA C 60 -15.21 -44.36 15.60
N ASN C 61 -15.62 -44.60 14.35
CA ASN C 61 -14.85 -45.43 13.42
C ASN C 61 -14.18 -44.64 12.28
N GLU C 62 -14.81 -43.55 11.84
CA GLU C 62 -14.33 -42.82 10.64
C GLU C 62 -14.21 -41.32 10.82
N ARG C 63 -13.30 -40.75 10.04
CA ARG C 63 -13.15 -39.30 9.90
C ARG C 63 -14.40 -38.70 9.28
N CYS C 64 -14.83 -37.58 9.85
CA CYS C 64 -15.77 -36.71 9.20
C CYS C 64 -15.27 -35.30 9.41
N ASP C 65 -15.12 -34.53 8.34
CA ASP C 65 -14.67 -33.16 8.51
C ASP C 65 -15.84 -32.22 8.82
N ALA C 66 -17.00 -32.46 8.20
CA ALA C 66 -18.17 -31.63 8.41
C ALA C 66 -19.40 -32.39 7.96
N ILE C 67 -20.53 -32.04 8.57
CA ILE C 67 -21.85 -32.56 8.17
C ILE C 67 -22.60 -31.40 7.53
N ILE C 68 -23.34 -31.68 6.46
CA ILE C 68 -24.23 -30.69 5.88
C ILE C 68 -25.68 -31.12 6.21
N ALA C 69 -26.43 -30.22 6.82
CA ALA C 69 -27.83 -30.51 7.12
C ALA C 69 -28.66 -29.23 7.07
N ALA C 70 -29.90 -29.32 7.49
CA ALA C 70 -30.80 -28.15 7.44
C ALA C 70 -31.91 -28.24 8.47
N GLY C 71 -32.49 -27.07 8.74
CA GLY C 71 -33.66 -26.91 9.59
C GLY C 71 -33.62 -27.60 10.93
N SER C 72 -34.77 -28.15 11.32
CA SER C 72 -34.97 -28.76 12.64
C SER C 72 -33.99 -29.90 12.91
N ASN C 73 -33.85 -30.80 11.93
CA ASN C 73 -32.93 -31.92 11.97
C ASN C 73 -31.48 -31.46 12.10
N GLY C 74 -31.10 -30.49 11.26
CA GLY C 74 -29.76 -29.93 11.32
C GLY C 74 -29.41 -29.32 12.68
N ALA C 75 -30.39 -28.62 13.27
CA ALA C 75 -30.20 -28.03 14.58
C ALA C 75 -30.08 -29.08 15.67
N TYR C 76 -30.86 -30.17 15.54
CA TYR C 76 -30.79 -31.32 16.48
C TYR C 76 -29.40 -31.93 16.43
N LEU C 77 -28.88 -32.11 15.22
CA LEU C 77 -27.54 -32.66 15.02
C LEU C 77 -26.45 -31.77 15.60
N LYS C 78 -26.56 -30.48 15.31
CA LYS C 78 -25.58 -29.49 15.74
C LYS C 78 -25.38 -29.43 17.27
N SER C 79 -26.47 -29.48 18.02
CA SER C 79 -26.37 -29.45 19.48
C SER C 79 -25.83 -30.76 20.07
N ARG C 80 -25.95 -31.86 19.33
CA ARG C 80 -25.60 -33.18 19.89
C ARG C 80 -24.23 -33.78 19.50
N LEU C 81 -23.66 -33.33 18.39
CA LEU C 81 -22.44 -33.96 17.87
C LEU C 81 -21.23 -33.04 17.98
N SER C 82 -20.06 -33.66 18.03
CA SER C 82 -18.82 -32.89 18.16
C SER C 82 -18.34 -32.25 16.83
N VAL C 83 -18.58 -32.96 15.73
N VAL C 83 -18.56 -32.96 15.72
CA VAL C 83 -18.27 -32.54 14.35
CA VAL C 83 -18.16 -32.49 14.39
C VAL C 83 -18.98 -31.25 13.93
C VAL C 83 -18.95 -31.26 13.93
N PRO C 84 -18.30 -30.40 13.12
CA PRO C 84 -18.93 -29.20 12.55
C PRO C 84 -20.18 -29.58 11.73
N VAL C 85 -21.27 -28.86 11.99
CA VAL C 85 -22.52 -29.09 11.27
C VAL C 85 -22.77 -27.79 10.55
N ILE C 86 -22.93 -27.89 9.23
CA ILE C 86 -23.13 -26.70 8.42
C ILE C 86 -24.58 -26.73 7.96
N LEU C 87 -25.31 -25.67 8.33
CA LEU C 87 -26.76 -25.62 8.05
C LEU C 87 -27.02 -24.83 6.80
N ILE C 88 -27.94 -25.34 6.00
CA ILE C 88 -28.42 -24.61 4.85
C ILE C 88 -29.66 -23.84 5.25
N LYS C 89 -29.56 -22.53 5.10
CA LYS C 89 -30.59 -21.61 5.53
C LYS C 89 -31.62 -21.44 4.44
N PRO C 90 -32.90 -21.36 4.83
CA PRO C 90 -33.95 -21.13 3.85
C PRO C 90 -33.82 -19.69 3.33
N SER C 91 -33.95 -19.53 2.01
CA SER C 91 -33.74 -18.26 1.30
C SER C 91 -35.05 -17.57 0.90
N GLY C 92 -35.14 -16.27 1.17
CA GLY C 92 -36.19 -15.40 0.64
C GLY C 92 -36.27 -15.44 -0.87
N TYR C 93 -35.11 -15.63 -1.49
CA TYR C 93 -34.99 -15.74 -2.94
C TYR C 93 -35.78 -16.94 -3.49
N ASP C 94 -35.58 -18.11 -2.88
CA ASP C 94 -36.33 -19.32 -3.20
C ASP C 94 -37.82 -19.20 -2.92
N VAL C 95 -38.19 -18.61 -1.78
CA VAL C 95 -39.61 -18.41 -1.46
C VAL C 95 -40.26 -17.73 -2.66
N LEU C 96 -39.64 -16.67 -3.16
CA LEU C 96 -40.22 -15.89 -4.27
C LEU C 96 -40.27 -16.65 -5.59
N GLN C 97 -39.13 -17.22 -5.98
CA GLN C 97 -39.01 -17.98 -7.22
C GLN C 97 -39.93 -19.19 -7.23
N PHE C 98 -40.04 -19.86 -6.10
CA PHE C 98 -40.90 -21.02 -6.08
C PHE C 98 -42.37 -20.71 -6.04
N LEU C 99 -42.75 -19.57 -5.44
CA LEU C 99 -44.13 -19.06 -5.57
C LEU C 99 -44.49 -18.71 -7.02
N ALA C 100 -43.56 -18.05 -7.73
CA ALA C 100 -43.77 -17.71 -9.15
C ALA C 100 -43.90 -18.95 -10.05
N LYS C 101 -43.03 -19.94 -9.82
CA LYS C 101 -43.06 -21.22 -10.51
C LYS C 101 -44.37 -21.99 -10.27
N ALA C 102 -44.86 -21.95 -9.03
CA ALA C 102 -46.09 -22.64 -8.65
C ALA C 102 -47.36 -21.90 -9.06
N GLY C 103 -47.23 -20.65 -9.49
CA GLY C 103 -48.37 -19.83 -9.90
C GLY C 103 -49.15 -19.19 -8.77
N LYS C 104 -48.51 -19.00 -7.61
CA LYS C 104 -49.18 -18.58 -6.37
C LYS C 104 -48.82 -17.20 -5.82
N LEU C 105 -48.28 -16.32 -6.64
CA LEU C 105 -47.90 -14.98 -6.17
C LEU C 105 -49.08 -14.15 -5.66
N THR C 106 -50.21 -14.25 -6.37
CA THR C 106 -51.40 -13.45 -6.06
C THR C 106 -52.29 -14.15 -5.04
N SER C 107 -51.83 -15.29 -4.53
CA SER C 107 -52.59 -16.14 -3.61
C SER C 107 -52.41 -15.73 -2.15
N SER C 108 -53.19 -16.32 -1.27
CA SER C 108 -52.94 -16.21 0.16
C SER C 108 -51.82 -17.21 0.51
N ILE C 109 -50.71 -16.67 1.02
CA ILE C 109 -49.49 -17.45 1.25
C ILE C 109 -49.12 -17.51 2.74
N GLY C 110 -48.70 -18.69 3.20
CA GLY C 110 -47.99 -18.82 4.47
C GLY C 110 -46.56 -19.30 4.25
N VAL C 111 -45.67 -18.94 5.16
CA VAL C 111 -44.30 -19.46 5.21
C VAL C 111 -44.06 -19.94 6.65
N VAL C 112 -43.56 -21.16 6.83
CA VAL C 112 -43.32 -21.66 8.19
C VAL C 112 -41.93 -22.30 8.18
N THR C 113 -41.06 -21.76 9.03
CA THR C 113 -39.65 -22.13 9.08
C THR C 113 -39.31 -22.42 10.52
N TYR C 114 -38.25 -23.20 10.69
CA TYR C 114 -37.82 -23.63 11.99
C TYR C 114 -37.25 -22.43 12.72
N GLN C 115 -37.73 -22.23 13.95
CA GLN C 115 -37.16 -21.30 14.92
C GLN C 115 -37.26 -19.81 14.57
N GLU C 116 -36.94 -19.45 13.33
CA GLU C 116 -37.01 -18.06 12.90
C GLU C 116 -37.66 -17.93 11.54
N THR C 117 -38.38 -16.83 11.36
CA THR C 117 -38.83 -16.39 10.06
C THR C 117 -37.62 -15.96 9.21
N ILE C 118 -37.89 -15.55 7.97
CA ILE C 118 -36.85 -15.15 7.03
C ILE C 118 -36.88 -13.63 6.97
N PRO C 119 -35.78 -12.99 7.44
CA PRO C 119 -35.77 -11.51 7.62
C PRO C 119 -36.00 -10.76 6.30
N ALA C 120 -35.39 -11.26 5.24
CA ALA C 120 -35.51 -10.69 3.89
C ALA C 120 -36.94 -10.58 3.35
N LEU C 121 -37.83 -11.49 3.76
CA LEU C 121 -39.21 -11.48 3.24
C LEU C 121 -40.03 -10.24 3.59
N VAL C 122 -39.71 -9.63 4.72
CA VAL C 122 -40.41 -8.42 5.20
C VAL C 122 -40.41 -7.34 4.12
N ALA C 123 -39.24 -7.07 3.55
CA ALA C 123 -39.08 -6.08 2.48
C ALA C 123 -39.65 -6.56 1.14
N PHE C 124 -39.51 -7.85 0.87
CA PHE C 124 -40.01 -8.44 -0.39
C PHE C 124 -41.54 -8.40 -0.52
N GLN C 125 -42.25 -8.65 0.58
CA GLN C 125 -43.71 -8.58 0.56
C GLN C 125 -44.21 -7.16 0.31
N LYS C 126 -43.42 -6.17 0.73
CA LYS C 126 -43.71 -4.76 0.48
C LYS C 126 -43.62 -4.42 -1.01
N THR C 127 -42.55 -4.90 -1.65
CA THR C 127 -42.31 -4.65 -3.08
C THR C 127 -43.37 -5.27 -3.99
N PHE C 128 -43.83 -6.46 -3.64
CA PHE C 128 -44.73 -7.22 -4.49
C PHE C 128 -46.17 -7.25 -3.96
N ASN C 129 -46.39 -6.63 -2.80
CA ASN C 129 -47.73 -6.59 -2.16
C ASN C 129 -48.32 -8.00 -2.02
N LEU C 130 -47.52 -8.92 -1.47
CA LEU C 130 -47.97 -10.29 -1.29
C LEU C 130 -48.86 -10.39 -0.05
N ARG C 131 -49.82 -11.32 -0.11
CA ARG C 131 -50.57 -11.69 1.09
C ARG C 131 -49.76 -12.81 1.71
N LEU C 132 -49.07 -12.49 2.80
CA LEU C 132 -48.06 -13.37 3.40
C LEU C 132 -48.24 -13.41 4.91
N ASP C 133 -48.31 -14.62 5.46
CA ASP C 133 -48.32 -14.81 6.90
C ASP C 133 -47.07 -15.62 7.18
N GLN C 134 -46.11 -15.00 7.87
CA GLN C 134 -44.83 -15.62 8.17
C GLN C 134 -44.84 -16.18 9.59
N ARG C 135 -44.56 -17.46 9.67
CA ARG C 135 -44.58 -18.17 10.94
C ARG C 135 -43.37 -19.03 11.19
N SER C 136 -43.20 -19.42 12.46
CA SER C 136 -42.11 -20.28 12.86
C SER C 136 -42.62 -21.38 13.81
N TYR C 137 -41.81 -22.44 13.95
CA TYR C 137 -42.16 -23.56 14.79
C TYR C 137 -40.86 -24.15 15.37
N ILE C 138 -40.99 -24.83 16.50
CA ILE C 138 -39.87 -25.55 17.14
C ILE C 138 -40.15 -27.05 17.08
N THR C 139 -41.31 -27.46 17.60
CA THR C 139 -41.68 -28.87 17.62
C THR C 139 -42.65 -29.24 16.47
N GLU C 140 -42.84 -30.54 16.26
CA GLU C 140 -43.88 -31.05 15.37
C GLU C 140 -45.23 -30.49 15.76
N GLU C 141 -45.51 -30.50 17.07
CA GLU C 141 -46.75 -29.99 17.60
C GLU C 141 -46.98 -28.51 17.24
N ASP C 142 -45.95 -27.67 17.38
CA ASP C 142 -46.02 -26.28 16.95
C ASP C 142 -46.28 -26.20 15.44
N ALA C 143 -45.54 -26.98 14.65
CA ALA C 143 -45.75 -27.04 13.19
C ALA C 143 -47.21 -27.33 12.83
N ARG C 144 -47.78 -28.36 13.43
CA ARG C 144 -49.16 -28.75 13.18
C ARG C 144 -50.13 -27.66 13.57
N GLY C 145 -49.93 -27.07 14.76
CA GLY C 145 -50.69 -25.92 15.24
C GLY C 145 -50.62 -24.72 14.31
N GLN C 146 -49.42 -24.41 13.82
CA GLN C 146 -49.24 -23.32 12.86
C GLN C 146 -49.91 -23.57 11.52
N ILE C 147 -49.83 -24.81 11.00
CA ILE C 147 -50.50 -25.07 9.73
C ILE C 147 -52.03 -25.11 9.85
N ASN C 148 -52.55 -25.56 11.00
CA ASN C 148 -54.00 -25.51 11.27
C ASN C 148 -54.57 -24.08 11.34
N GLU C 149 -53.81 -23.16 11.93
CA GLU C 149 -54.15 -21.72 11.94
C GLU C 149 -54.19 -21.13 10.51
N LEU C 150 -53.11 -21.33 9.75
CA LEU C 150 -53.07 -20.97 8.33
C LEU C 150 -54.28 -21.48 7.52
N LYS C 151 -54.64 -22.75 7.69
CA LYS C 151 -55.80 -23.31 6.99
C LYS C 151 -57.10 -22.57 7.34
N ALA C 152 -57.30 -22.33 8.64
CA ALA C 152 -58.49 -21.65 9.15
C ALA C 152 -58.60 -20.23 8.63
N ASN C 153 -57.47 -19.59 8.35
CA ASN C 153 -57.48 -18.24 7.77
C ASN C 153 -57.67 -18.20 6.24
N GLY C 154 -57.81 -19.36 5.60
CA GLY C 154 -57.98 -19.43 4.13
C GLY C 154 -56.70 -19.32 3.31
N THR C 155 -55.59 -19.71 3.91
CA THR C 155 -54.32 -19.77 3.20
C THR C 155 -54.42 -20.88 2.12
N GLU C 156 -53.94 -20.61 0.91
CA GLU C 156 -53.96 -21.66 -0.13
C GLU C 156 -52.64 -22.36 -0.37
N ALA C 157 -51.53 -21.64 -0.21
CA ALA C 157 -50.19 -22.21 -0.39
C ALA C 157 -49.32 -21.95 0.83
N VAL C 158 -48.52 -22.95 1.20
CA VAL C 158 -47.55 -22.82 2.28
C VAL C 158 -46.18 -23.23 1.75
N VAL C 159 -45.21 -22.36 1.96
CA VAL C 159 -43.83 -22.61 1.61
C VAL C 159 -43.06 -23.04 2.88
N GLY C 160 -42.34 -24.14 2.79
CA GLY C 160 -41.54 -24.61 3.91
C GLY C 160 -40.74 -25.83 3.53
N ALA C 161 -40.03 -26.38 4.49
CA ALA C 161 -39.25 -27.57 4.20
C ALA C 161 -40.14 -28.81 4.26
N GLY C 162 -39.52 -29.96 4.39
CA GLY C 162 -40.17 -31.26 4.31
C GLY C 162 -41.41 -31.43 5.15
N LEU C 163 -41.30 -31.20 6.46
CA LEU C 163 -42.42 -31.44 7.37
C LEU C 163 -43.61 -30.51 7.07
N ILE C 164 -43.31 -29.24 6.92
CA ILE C 164 -44.31 -28.20 6.69
C ILE C 164 -45.04 -28.45 5.36
N THR C 165 -44.29 -28.86 4.33
CA THR C 165 -44.84 -29.22 3.02
C THR C 165 -45.79 -30.42 3.11
N ASP C 166 -45.36 -31.45 3.84
CA ASP C 166 -46.15 -32.65 4.08
C ASP C 166 -47.41 -32.28 4.84
N LEU C 167 -47.28 -31.49 5.92
CA LEU C 167 -48.46 -31.06 6.69
C LEU C 167 -49.45 -30.20 5.91
N ALA C 168 -48.95 -29.25 5.11
CA ALA C 168 -49.83 -28.42 4.27
C ALA C 168 -50.65 -29.25 3.27
N GLU C 169 -50.00 -30.22 2.62
CA GLU C 169 -50.70 -31.09 1.65
C GLU C 169 -51.72 -31.93 2.38
N GLU C 170 -51.30 -32.55 3.48
CA GLU C 170 -52.21 -33.35 4.30
C GLU C 170 -53.42 -32.51 4.78
N ALA C 171 -53.20 -31.22 5.02
CA ALA C 171 -54.31 -30.36 5.44
C ALA C 171 -55.14 -29.81 4.28
N GLY C 172 -54.76 -30.12 3.04
CA GLY C 172 -55.58 -29.68 1.91
C GLY C 172 -55.15 -28.41 1.20
N MET C 173 -53.99 -27.85 1.59
CA MET C 173 -53.40 -26.68 0.94
C MET C 173 -52.27 -27.13 0.01
N THR C 174 -51.75 -26.21 -0.81
CA THR C 174 -50.58 -26.49 -1.65
C THR C 174 -49.30 -26.32 -0.84
N GLY C 175 -48.53 -27.40 -0.72
CA GLY C 175 -47.21 -27.40 -0.08
C GLY C 175 -46.21 -27.02 -1.16
N ILE C 176 -45.38 -26.04 -0.87
CA ILE C 176 -44.35 -25.62 -1.83
C ILE C 176 -43.03 -25.76 -1.13
N PHE C 177 -42.18 -26.63 -1.67
CA PHE C 177 -40.89 -26.95 -1.03
C PHE C 177 -39.93 -25.77 -1.10
N ILE C 178 -39.33 -25.42 0.03
CA ILE C 178 -38.60 -24.15 0.18
C ILE C 178 -37.19 -24.06 -0.43
N TYR C 179 -36.54 -25.20 -0.67
CA TYR C 179 -35.16 -25.21 -1.19
C TYR C 179 -35.09 -25.56 -2.69
N SER C 180 -34.31 -24.79 -3.45
CA SER C 180 -34.09 -25.11 -4.87
C SER C 180 -32.71 -25.73 -5.03
N ALA C 181 -32.48 -26.40 -6.16
CA ALA C 181 -31.15 -26.88 -6.57
C ALA C 181 -30.09 -25.74 -6.55
N ALA C 182 -30.44 -24.54 -7.05
CA ALA C 182 -29.46 -23.42 -7.08
C ALA C 182 -28.95 -22.99 -5.70
N THR C 183 -29.85 -22.90 -4.74
CA THR C 183 -29.52 -22.60 -3.35
C THR C 183 -28.69 -23.71 -2.70
N VAL C 184 -29.10 -24.97 -2.89
CA VAL C 184 -28.33 -26.09 -2.36
C VAL C 184 -26.90 -26.15 -2.96
N ARG C 185 -26.78 -25.97 -4.26
CA ARG C 185 -25.49 -25.96 -4.98
C ARG C 185 -24.52 -24.90 -4.42
N GLN C 186 -25.01 -23.66 -4.23
CA GLN C 186 -24.21 -22.58 -3.65
C GLN C 186 -23.77 -22.93 -2.23
N ALA C 187 -24.71 -23.39 -1.41
CA ALA C 187 -24.42 -23.82 -0.06
C ALA C 187 -23.36 -24.95 -0.01
N PHE C 188 -23.47 -25.97 -0.86
CA PHE C 188 -22.45 -27.03 -0.98
C PHE C 188 -21.06 -26.47 -1.37
N SER C 189 -21.03 -25.62 -2.37
CA SER C 189 -19.80 -24.93 -2.79
C SER C 189 -19.15 -24.17 -1.62
N ASP C 190 -19.94 -23.39 -0.89
CA ASP C 190 -19.42 -22.59 0.22
C ASP C 190 -18.94 -23.48 1.37
N ALA C 191 -19.71 -24.52 1.68
CA ALA C 191 -19.37 -25.47 2.75
C ALA C 191 -18.12 -26.26 2.43
N LEU C 192 -17.97 -26.70 1.17
CA LEU C 192 -16.73 -27.36 0.79
C LEU C 192 -15.52 -26.43 0.87
N ASP C 193 -15.72 -25.16 0.48
CA ASP C 193 -14.65 -24.15 0.56
C ASP C 193 -14.27 -23.93 2.02
N MET C 194 -15.26 -23.63 2.86
CA MET C 194 -15.00 -23.46 4.29
C MET C 194 -14.29 -24.67 4.94
N THR C 195 -14.78 -25.87 4.66
CA THR C 195 -14.17 -27.10 5.22
C THR C 195 -12.73 -27.28 4.71
N ARG C 196 -12.54 -27.09 3.40
CA ARG C 196 -11.22 -27.13 2.80
C ARG C 196 -10.29 -26.11 3.45
N MET C 197 -10.73 -24.85 3.62
CA MET C 197 -9.94 -23.84 4.35
C MET C 197 -9.64 -24.24 5.82
N SER C 198 -10.62 -24.81 6.52
CA SER C 198 -10.45 -25.17 7.92
C SER C 198 -9.40 -26.28 8.11
N LEU C 199 -9.24 -27.13 7.10
CA LEU C 199 -8.23 -28.20 7.09
C LEU C 199 -6.81 -27.66 6.88
N ARG C 200 -6.65 -26.76 5.91
CA ARG C 200 -5.37 -26.12 5.62
C ARG C 200 -5.04 -25.08 6.68
N LYS D 13 -7.85 -15.31 20.35
CA LYS D 13 -8.52 -14.33 19.43
C LYS D 13 -8.04 -14.52 17.98
N PRO D 14 -8.97 -14.86 17.06
CA PRO D 14 -8.62 -14.97 15.62
C PRO D 14 -8.04 -13.66 15.04
N VAL D 15 -7.05 -13.80 14.18
CA VAL D 15 -6.47 -12.67 13.44
C VAL D 15 -7.03 -12.64 12.01
N ILE D 16 -7.69 -11.52 11.67
CA ILE D 16 -8.25 -11.28 10.35
C ILE D 16 -7.56 -10.06 9.71
N TRP D 17 -7.07 -10.24 8.49
CA TRP D 17 -6.53 -9.15 7.72
C TRP D 17 -7.50 -8.89 6.59
N THR D 18 -8.02 -7.65 6.50
CA THR D 18 -8.94 -7.28 5.43
C THR D 18 -8.14 -6.52 4.37
N VAL D 19 -8.38 -6.84 3.11
CA VAL D 19 -7.56 -6.27 2.02
C VAL D 19 -8.53 -5.66 1.00
N SER D 20 -8.44 -4.34 0.83
CA SER D 20 -9.17 -3.60 -0.20
C SER D 20 -8.39 -2.37 -0.69
N VAL D 21 -8.53 -2.10 -1.98
CA VAL D 21 -7.93 -0.91 -2.59
C VAL D 21 -9.02 -0.18 -3.40
N THR D 22 -10.26 -0.34 -2.96
CA THR D 22 -11.42 0.41 -3.48
C THR D 22 -12.14 1.00 -2.25
N ARG D 23 -13.34 1.57 -2.44
CA ARG D 23 -14.18 2.14 -1.35
C ARG D 23 -14.81 1.05 -0.46
N LEU D 24 -14.53 -0.19 -0.82
CA LEU D 24 -14.82 -1.35 -0.01
C LEU D 24 -14.05 -1.27 1.27
N PHE D 25 -12.84 -0.71 1.21
CA PHE D 25 -12.02 -0.41 2.39
C PHE D 25 -12.86 0.28 3.47
N GLU D 26 -13.60 1.32 3.06
CA GLU D 26 -14.44 2.09 3.97
C GLU D 26 -15.48 1.22 4.64
N LEU D 27 -16.13 0.37 3.85
CA LEU D 27 -17.13 -0.58 4.34
C LEU D 27 -16.54 -1.67 5.24
N PHE D 28 -15.35 -2.20 4.91
CA PHE D 28 -14.64 -3.15 5.80
C PHE D 28 -14.35 -2.48 7.14
N ARG D 29 -13.98 -1.19 7.12
CA ARG D 29 -13.66 -0.45 8.35
C ARG D 29 -14.88 -0.36 9.26
N ASP D 30 -16.00 0.08 8.69
CA ASP D 30 -17.27 0.21 9.42
C ASP D 30 -17.71 -1.10 10.08
N ILE D 31 -17.70 -2.18 9.30
CA ILE D 31 -18.12 -3.50 9.80
C ILE D 31 -17.09 -4.10 10.76
N SER D 32 -15.79 -3.92 10.48
CA SER D 32 -14.74 -4.31 11.45
C SER D 32 -15.03 -3.84 12.87
N LEU D 33 -15.65 -2.66 13.00
CA LEU D 33 -16.09 -2.12 14.29
C LEU D 33 -17.01 -3.08 15.08
N GLU D 34 -17.75 -3.93 14.38
CA GLU D 34 -18.66 -4.87 15.02
C GLU D 34 -18.03 -6.19 15.45
N PHE D 35 -16.78 -6.43 15.04
CA PHE D 35 -16.06 -7.69 15.29
C PHE D 35 -14.73 -7.49 16.03
N ASP D 36 -14.43 -6.27 16.44
CA ASP D 36 -13.20 -5.95 17.20
C ASP D 36 -13.04 -6.71 18.52
N HIS D 37 -14.16 -7.00 19.18
CA HIS D 37 -14.17 -7.80 20.39
C HIS D 37 -14.00 -9.31 20.12
N LEU D 38 -14.14 -9.72 18.86
CA LEU D 38 -14.11 -11.14 18.45
C LEU D 38 -12.83 -11.54 17.71
N ALA D 39 -12.11 -10.57 17.15
CA ALA D 39 -10.91 -10.88 16.40
C ALA D 39 -9.97 -9.69 16.37
N ASN D 40 -8.68 -9.95 16.17
CA ASN D 40 -7.72 -8.87 15.94
C ASN D 40 -7.59 -8.57 14.45
N ILE D 41 -8.20 -7.46 14.04
CA ILE D 41 -8.42 -7.10 12.65
C ILE D 41 -7.41 -6.03 12.18
N THR D 42 -6.69 -6.30 11.10
CA THR D 42 -5.74 -5.32 10.55
C THR D 42 -6.12 -5.00 9.11
N PRO D 43 -6.37 -3.72 8.81
CA PRO D 43 -6.69 -3.36 7.40
C PRO D 43 -5.45 -3.17 6.53
N ILE D 44 -5.46 -3.78 5.35
CA ILE D 44 -4.40 -3.58 4.35
C ILE D 44 -5.04 -2.86 3.17
N GLN D 45 -4.51 -1.70 2.84
CA GLN D 45 -5.01 -0.96 1.68
C GLN D 45 -4.06 -1.16 0.50
N LEU D 46 -3.98 -2.40 0.02
CA LEU D 46 -3.10 -2.74 -1.09
C LEU D 46 -3.81 -3.68 -2.07
N GLY D 47 -3.29 -3.81 -3.29
CA GLY D 47 -3.88 -4.75 -4.24
C GLY D 47 -2.86 -5.65 -4.92
N PHE D 48 -3.34 -6.82 -5.37
CA PHE D 48 -2.62 -7.67 -6.29
C PHE D 48 -1.22 -8.05 -5.84
N GLU D 49 -0.23 -7.92 -6.72
CA GLU D 49 1.16 -8.28 -6.41
C GLU D 49 1.75 -7.50 -5.22
N LYS D 50 1.38 -6.22 -5.08
CA LYS D 50 1.82 -5.43 -3.91
C LYS D 50 1.22 -5.99 -2.62
N ALA D 51 -0.06 -6.32 -2.63
CA ALA D 51 -0.69 -6.93 -1.46
C ALA D 51 -0.05 -8.27 -1.09
N VAL D 52 0.16 -9.13 -2.09
CA VAL D 52 0.74 -10.47 -1.90
C VAL D 52 2.13 -10.38 -1.29
N THR D 53 2.98 -9.51 -1.85
CA THR D 53 4.33 -9.30 -1.34
C THR D 53 4.35 -8.88 0.15
N TYR D 54 3.60 -7.84 0.47
CA TYR D 54 3.48 -7.33 1.83
C TYR D 54 2.95 -8.38 2.78
N ILE D 55 1.96 -9.17 2.32
CA ILE D 55 1.33 -10.18 3.16
C ILE D 55 2.32 -11.33 3.44
N ARG D 56 3.03 -11.81 2.42
CA ARG D 56 4.03 -12.86 2.63
C ARG D 56 5.12 -12.39 3.59
N LYS D 57 5.53 -11.14 3.43
CA LYS D 57 6.53 -10.50 4.29
C LYS D 57 6.04 -10.48 5.74
N LYS D 58 4.78 -10.10 5.91
CA LYS D 58 4.14 -9.96 7.21
C LYS D 58 3.94 -11.31 7.90
N LEU D 59 3.56 -12.32 7.12
CA LEU D 59 3.40 -13.70 7.60
C LEU D 59 4.66 -14.35 8.18
N ALA D 60 5.84 -13.87 7.78
CA ALA D 60 7.10 -14.45 8.26
C ALA D 60 7.29 -14.29 9.76
N ASN D 61 6.58 -13.32 10.35
CA ASN D 61 6.73 -12.98 11.76
C ASN D 61 5.41 -12.87 12.52
N GLU D 62 4.30 -12.85 11.79
CA GLU D 62 2.97 -12.77 12.40
C GLU D 62 2.11 -13.90 11.87
N ARG D 63 1.23 -14.44 12.71
CA ARG D 63 0.22 -15.34 12.20
C ARG D 63 -1.02 -14.57 11.73
N CYS D 64 -1.85 -15.26 10.96
CA CYS D 64 -3.09 -14.69 10.47
C CYS D 64 -4.01 -15.85 10.23
N ASP D 65 -5.22 -15.79 10.76
CA ASP D 65 -6.14 -16.92 10.61
C ASP D 65 -6.93 -16.88 9.30
N ALA D 66 -7.23 -15.67 8.82
CA ALA D 66 -8.02 -15.47 7.60
C ALA D 66 -7.82 -14.10 6.98
N ILE D 67 -7.98 -14.05 5.68
CA ILE D 67 -7.98 -12.81 4.95
C ILE D 67 -9.39 -12.68 4.36
N ILE D 68 -9.91 -11.46 4.39
CA ILE D 68 -11.17 -11.12 3.76
C ILE D 68 -10.85 -10.14 2.64
N ALA D 69 -11.29 -10.47 1.44
CA ALA D 69 -11.06 -9.66 0.25
C ALA D 69 -12.22 -9.85 -0.72
N ALA D 70 -12.20 -9.12 -1.83
CA ALA D 70 -13.35 -9.11 -2.71
C ALA D 70 -12.94 -8.87 -4.16
N GLY D 71 -13.87 -9.19 -5.07
CA GLY D 71 -13.67 -8.93 -6.49
C GLY D 71 -12.46 -9.64 -7.03
N SER D 72 -11.78 -8.98 -7.98
CA SER D 72 -10.67 -9.60 -8.67
C SER D 72 -9.38 -9.54 -7.87
N ASN D 73 -9.28 -8.57 -6.96
CA ASN D 73 -8.16 -8.53 -6.02
C ASN D 73 -8.19 -9.76 -5.14
N GLY D 74 -9.37 -10.02 -4.55
CA GLY D 74 -9.61 -11.19 -3.69
C GLY D 74 -9.37 -12.52 -4.39
N ALA D 75 -9.98 -12.68 -5.57
CA ALA D 75 -9.77 -13.84 -6.42
C ALA D 75 -8.28 -14.10 -6.65
N TYR D 76 -7.55 -13.04 -6.95
CA TYR D 76 -6.09 -13.10 -7.15
C TYR D 76 -5.32 -13.52 -5.90
N LEU D 77 -5.66 -12.94 -4.75
CA LEU D 77 -5.02 -13.31 -3.48
C LEU D 77 -5.29 -14.78 -3.11
N LYS D 78 -6.53 -15.22 -3.30
CA LYS D 78 -6.92 -16.60 -2.97
C LYS D 78 -6.06 -17.64 -3.67
N SER D 79 -5.86 -17.48 -4.98
CA SER D 79 -5.04 -18.45 -5.75
C SER D 79 -3.56 -18.38 -5.40
N ARG D 80 -3.13 -17.38 -4.65
CA ARG D 80 -1.70 -17.13 -4.48
C ARG D 80 -1.17 -17.23 -3.06
N LEU D 81 -2.08 -17.25 -2.09
CA LEU D 81 -1.69 -17.33 -0.69
C LEU D 81 -2.19 -18.64 -0.11
N SER D 82 -1.55 -19.05 0.98
CA SER D 82 -1.90 -20.31 1.65
C SER D 82 -2.76 -20.06 2.89
N VAL D 83 -2.73 -18.83 3.40
CA VAL D 83 -3.71 -18.38 4.39
C VAL D 83 -5.11 -18.41 3.72
N PRO D 84 -6.12 -18.92 4.44
CA PRO D 84 -7.50 -18.92 3.97
C PRO D 84 -7.94 -17.53 3.49
N VAL D 85 -8.53 -17.46 2.30
CA VAL D 85 -9.07 -16.18 1.81
C VAL D 85 -10.58 -16.30 1.68
N ILE D 86 -11.30 -15.49 2.42
CA ILE D 86 -12.76 -15.44 2.35
C ILE D 86 -13.10 -14.40 1.32
N LEU D 87 -13.54 -14.87 0.18
CA LEU D 87 -13.76 -14.03 -0.98
C LEU D 87 -15.20 -13.56 -0.95
N ILE D 88 -15.37 -12.25 -0.97
CA ILE D 88 -16.71 -11.73 -1.08
C ILE D 88 -17.03 -11.63 -2.56
N LYS D 89 -18.10 -12.30 -2.98
CA LYS D 89 -18.65 -12.11 -4.32
C LYS D 89 -20.04 -11.49 -4.18
N PRO D 90 -20.39 -10.52 -5.05
CA PRO D 90 -21.77 -9.98 -4.96
C PRO D 90 -22.81 -11.04 -5.28
N SER D 91 -23.83 -11.14 -4.44
CA SER D 91 -24.95 -12.04 -4.69
C SER D 91 -26.15 -11.36 -5.35
N GLY D 92 -26.73 -12.04 -6.34
CA GLY D 92 -28.06 -11.74 -6.86
C GLY D 92 -29.07 -11.42 -5.76
N TYR D 93 -29.12 -12.31 -4.76
CA TYR D 93 -30.03 -12.19 -3.63
C TYR D 93 -29.74 -10.97 -2.72
N ASP D 94 -28.47 -10.63 -2.52
CA ASP D 94 -28.17 -9.48 -1.65
C ASP D 94 -28.49 -8.18 -2.36
N VAL D 95 -28.28 -8.18 -3.68
CA VAL D 95 -28.66 -7.07 -4.55
C VAL D 95 -30.19 -6.83 -4.53
N LEU D 96 -30.96 -7.92 -4.59
CA LEU D 96 -32.42 -7.84 -4.62
C LEU D 96 -32.92 -7.34 -3.28
N GLN D 97 -32.38 -7.90 -2.19
CA GLN D 97 -32.70 -7.44 -0.84
C GLN D 97 -32.47 -5.94 -0.67
N PHE D 98 -31.35 -5.47 -1.23
CA PHE D 98 -30.94 -4.08 -1.11
C PHE D 98 -31.85 -3.17 -1.94
N LEU D 99 -31.97 -3.46 -3.24
CA LEU D 99 -33.00 -2.80 -4.08
C LEU D 99 -34.36 -2.70 -3.38
N ALA D 100 -34.73 -3.73 -2.61
CA ALA D 100 -36.04 -3.81 -1.92
C ALA D 100 -36.14 -3.00 -0.62
N LYS D 101 -35.05 -2.92 0.14
CA LYS D 101 -34.97 -2.01 1.29
C LYS D 101 -35.25 -0.58 0.83
N ALA D 102 -34.64 -0.22 -0.30
CA ALA D 102 -34.68 1.10 -0.88
C ALA D 102 -36.02 1.41 -1.57
N GLY D 103 -36.80 0.37 -1.86
CA GLY D 103 -38.07 0.53 -2.57
C GLY D 103 -37.82 0.81 -4.05
N LYS D 104 -36.77 0.20 -4.58
CA LYS D 104 -36.34 0.41 -5.97
C LYS D 104 -36.43 -0.83 -6.87
N LEU D 105 -36.80 -1.98 -6.28
CA LEU D 105 -36.97 -3.24 -7.02
C LEU D 105 -37.98 -3.16 -8.18
N THR D 106 -39.05 -2.39 -8.00
CA THR D 106 -40.09 -2.22 -9.05
C THR D 106 -39.87 -0.97 -9.93
N SER D 107 -38.70 -0.37 -9.83
CA SER D 107 -38.34 0.78 -10.69
C SER D 107 -37.54 0.30 -11.89
N SER D 108 -37.04 1.25 -12.66
CA SER D 108 -36.18 0.96 -13.81
C SER D 108 -34.71 0.87 -13.40
N ILE D 109 -34.20 -0.36 -13.33
CA ILE D 109 -32.90 -0.63 -12.71
C ILE D 109 -31.84 -1.06 -13.74
N GLY D 110 -30.62 -0.59 -13.53
CA GLY D 110 -29.50 -1.13 -14.27
C GLY D 110 -28.54 -1.85 -13.33
N VAL D 111 -27.91 -2.91 -13.79
CA VAL D 111 -26.83 -3.56 -13.05
C VAL D 111 -25.65 -3.67 -14.02
N VAL D 112 -24.52 -3.05 -13.68
CA VAL D 112 -23.31 -3.15 -14.52
C VAL D 112 -22.16 -3.70 -13.69
N THR D 113 -21.65 -4.86 -14.12
CA THR D 113 -20.66 -5.58 -13.31
C THR D 113 -19.40 -5.85 -14.13
N TYR D 114 -18.28 -6.04 -13.43
CA TYR D 114 -17.02 -6.27 -14.12
C TYR D 114 -17.02 -7.63 -14.84
N GLN D 115 -16.78 -7.61 -16.15
CA GLN D 115 -16.48 -8.82 -16.93
C GLN D 115 -17.71 -9.71 -17.23
N GLU D 116 -18.55 -9.93 -16.22
CA GLU D 116 -19.70 -10.87 -16.33
C GLU D 116 -20.90 -10.42 -15.52
N THR D 117 -22.09 -10.87 -15.95
CA THR D 117 -23.34 -10.66 -15.21
C THR D 117 -23.56 -11.72 -14.11
N ILE D 118 -24.52 -11.46 -13.20
CA ILE D 118 -24.80 -12.33 -12.05
C ILE D 118 -25.97 -13.23 -12.37
N PRO D 119 -25.76 -14.57 -12.39
CA PRO D 119 -26.78 -15.59 -12.76
C PRO D 119 -28.01 -15.66 -11.83
N ALA D 120 -27.81 -15.48 -10.51
CA ALA D 120 -28.94 -15.36 -9.58
C ALA D 120 -29.85 -14.16 -9.91
N LEU D 121 -29.25 -13.04 -10.30
CA LEU D 121 -29.99 -11.89 -10.82
C LEU D 121 -30.61 -12.14 -12.20
N VAL D 122 -29.84 -12.77 -13.09
CA VAL D 122 -30.32 -13.04 -14.45
C VAL D 122 -31.54 -13.98 -14.42
N ALA D 123 -31.53 -14.93 -13.48
CA ALA D 123 -32.65 -15.87 -13.29
C ALA D 123 -33.93 -15.16 -12.83
N PHE D 124 -33.78 -14.24 -11.89
CA PHE D 124 -34.89 -13.55 -11.24
C PHE D 124 -35.59 -12.56 -12.18
N GLN D 125 -34.80 -11.76 -12.92
CA GLN D 125 -35.35 -10.92 -13.98
C GLN D 125 -36.32 -11.68 -14.88
N LYS D 126 -35.89 -12.82 -15.42
CA LYS D 126 -36.73 -13.65 -16.29
C LYS D 126 -38.03 -14.06 -15.61
N THR D 127 -37.90 -14.58 -14.39
CA THR D 127 -39.03 -15.06 -13.60
C THR D 127 -40.07 -13.97 -13.35
N PHE D 128 -39.62 -12.81 -12.88
CA PHE D 128 -40.54 -11.73 -12.48
C PHE D 128 -40.81 -10.67 -13.54
N ASN D 129 -40.07 -10.74 -14.64
CA ASN D 129 -40.05 -9.72 -15.70
C ASN D 129 -40.01 -8.28 -15.19
N LEU D 130 -38.98 -8.01 -14.39
CA LEU D 130 -38.77 -6.68 -13.86
C LEU D 130 -37.99 -5.84 -14.88
N ARG D 131 -37.69 -4.60 -14.52
CA ARG D 131 -36.84 -3.78 -15.36
C ARG D 131 -35.47 -3.81 -14.71
N LEU D 132 -34.80 -4.94 -14.89
CA LEU D 132 -33.46 -5.17 -14.38
C LEU D 132 -32.57 -5.42 -15.59
N ASP D 133 -32.06 -4.33 -16.17
CA ASP D 133 -31.21 -4.38 -17.34
C ASP D 133 -29.77 -4.64 -16.85
N GLN D 134 -29.25 -5.82 -17.15
CA GLN D 134 -27.98 -6.27 -16.57
C GLN D 134 -26.90 -6.32 -17.64
N ARG D 135 -25.77 -5.69 -17.34
CA ARG D 135 -24.74 -5.45 -18.34
C ARG D 135 -23.37 -5.72 -17.74
N SER D 136 -22.35 -5.81 -18.59
CA SER D 136 -20.97 -5.94 -18.12
C SER D 136 -20.06 -4.96 -18.87
N TYR D 137 -18.86 -4.77 -18.33
CA TYR D 137 -17.86 -3.87 -18.87
C TYR D 137 -16.48 -4.41 -18.43
N ILE D 138 -15.43 -4.02 -19.14
CA ILE D 138 -14.03 -4.30 -18.76
C ILE D 138 -13.30 -2.98 -18.47
N THR D 139 -13.42 -2.03 -19.40
CA THR D 139 -12.67 -0.79 -19.34
C THR D 139 -13.53 0.39 -18.88
N GLU D 140 -12.90 1.51 -18.54
CA GLU D 140 -13.63 2.69 -18.08
C GLU D 140 -14.49 3.23 -19.21
N GLU D 141 -13.93 3.26 -20.42
CA GLU D 141 -14.67 3.52 -21.66
C GLU D 141 -15.91 2.64 -21.81
N ASP D 142 -15.77 1.33 -21.55
CA ASP D 142 -16.90 0.40 -21.60
C ASP D 142 -17.99 0.84 -20.61
N ALA D 143 -17.57 1.05 -19.37
CA ALA D 143 -18.45 1.43 -18.28
C ALA D 143 -19.26 2.69 -18.62
N ARG D 144 -18.57 3.71 -19.14
CA ARG D 144 -19.20 4.97 -19.55
C ARG D 144 -20.25 4.77 -20.66
N GLY D 145 -19.93 3.94 -21.65
CA GLY D 145 -20.87 3.59 -22.72
C GLY D 145 -22.11 2.86 -22.21
N GLN D 146 -21.94 1.93 -21.27
CA GLN D 146 -23.07 1.21 -20.66
C GLN D 146 -24.01 2.14 -19.88
N ILE D 147 -23.42 3.03 -19.07
CA ILE D 147 -24.13 4.01 -18.26
C ILE D 147 -24.93 4.98 -19.13
N ASN D 148 -24.31 5.43 -20.21
CA ASN D 148 -24.95 6.28 -21.21
C ASN D 148 -26.16 5.61 -21.87
N GLU D 149 -26.03 4.32 -22.17
CA GLU D 149 -27.14 3.56 -22.73
C GLU D 149 -28.26 3.40 -21.72
N LEU D 150 -27.93 3.04 -20.49
CA LEU D 150 -28.94 2.98 -19.42
C LEU D 150 -29.66 4.33 -19.22
N LYS D 151 -28.94 5.45 -19.23
CA LYS D 151 -29.58 6.75 -19.04
C LYS D 151 -30.63 7.04 -20.12
N ALA D 152 -30.22 6.83 -21.38
CA ALA D 152 -31.06 7.14 -22.56
C ALA D 152 -32.29 6.24 -22.77
N ASN D 153 -32.44 5.19 -21.98
CA ASN D 153 -33.76 4.53 -21.89
C ASN D 153 -34.41 4.51 -20.50
N GLY D 154 -34.18 5.59 -19.76
CA GLY D 154 -34.94 5.90 -18.55
C GLY D 154 -34.53 5.14 -17.30
N THR D 155 -33.32 4.58 -17.29
CA THR D 155 -32.85 3.86 -16.10
C THR D 155 -32.76 4.87 -14.95
N GLU D 156 -33.26 4.48 -13.80
CA GLU D 156 -33.41 5.37 -12.66
C GLU D 156 -32.29 5.23 -11.66
N ALA D 157 -31.81 4.00 -11.51
CA ALA D 157 -30.78 3.64 -10.54
C ALA D 157 -29.94 2.49 -11.09
N VAL D 158 -28.66 2.46 -10.73
CA VAL D 158 -27.74 1.47 -11.25
C VAL D 158 -26.97 0.85 -10.10
N VAL D 159 -26.93 -0.49 -10.12
CA VAL D 159 -26.15 -1.26 -9.17
C VAL D 159 -24.76 -1.58 -9.77
N GLY D 160 -23.70 -1.35 -8.99
CA GLY D 160 -22.35 -1.69 -9.43
C GLY D 160 -21.32 -1.31 -8.37
N ALA D 161 -20.04 -1.43 -8.70
CA ALA D 161 -18.97 -1.05 -7.78
C ALA D 161 -18.73 0.44 -7.91
N GLY D 162 -17.64 0.93 -7.34
CA GLY D 162 -17.45 2.39 -7.20
C GLY D 162 -17.49 3.22 -8.47
N LEU D 163 -16.83 2.75 -9.53
CA LEU D 163 -16.78 3.50 -10.80
C LEU D 163 -18.18 3.66 -11.39
N ILE D 164 -18.91 2.55 -11.38
CA ILE D 164 -20.25 2.46 -11.91
C ILE D 164 -21.22 3.33 -11.11
N THR D 165 -21.11 3.30 -9.78
CA THR D 165 -22.01 4.11 -8.92
C THR D 165 -21.77 5.62 -9.13
N ASP D 166 -20.50 6.00 -9.20
CA ASP D 166 -20.10 7.39 -9.48
C ASP D 166 -20.59 7.88 -10.83
N LEU D 167 -20.40 7.06 -11.85
CA LEU D 167 -20.87 7.35 -13.21
C LEU D 167 -22.39 7.48 -13.28
N ALA D 168 -23.10 6.62 -12.54
CA ALA D 168 -24.57 6.70 -12.52
C ALA D 168 -25.00 8.03 -11.94
N GLU D 169 -24.35 8.45 -10.86
CA GLU D 169 -24.68 9.71 -10.16
C GLU D 169 -24.50 10.93 -11.06
N GLU D 170 -23.33 11.05 -11.69
CA GLU D 170 -23.07 12.16 -12.64
C GLU D 170 -24.11 12.19 -13.75
N ALA D 171 -24.63 11.02 -14.10
CA ALA D 171 -25.66 10.89 -15.14
C ALA D 171 -27.07 11.13 -14.61
N GLY D 172 -27.19 11.46 -13.33
CA GLY D 172 -28.49 11.75 -12.71
C GLY D 172 -29.31 10.50 -12.37
N MET D 173 -28.62 9.40 -12.12
CA MET D 173 -29.26 8.16 -11.71
C MET D 173 -28.79 7.83 -10.26
N THR D 174 -29.61 7.11 -9.51
CA THR D 174 -29.17 6.61 -8.19
C THR D 174 -28.11 5.51 -8.36
N GLY D 175 -26.93 5.72 -7.76
CA GLY D 175 -25.89 4.70 -7.70
C GLY D 175 -26.03 3.86 -6.44
N ILE D 176 -26.26 2.57 -6.63
CA ILE D 176 -26.36 1.61 -5.52
C ILE D 176 -25.13 0.69 -5.50
N PHE D 177 -24.32 0.83 -4.46
CA PHE D 177 -23.08 0.06 -4.30
C PHE D 177 -23.40 -1.42 -4.17
N ILE D 178 -22.66 -2.25 -4.90
CA ILE D 178 -23.06 -3.66 -5.04
C ILE D 178 -22.77 -4.50 -3.77
N TYR D 179 -21.78 -4.08 -2.98
CA TYR D 179 -21.46 -4.79 -1.72
C TYR D 179 -22.23 -4.17 -0.55
N SER D 180 -23.11 -4.91 0.10
CA SER D 180 -23.86 -4.36 1.24
C SER D 180 -23.18 -4.67 2.56
N ALA D 181 -23.56 -3.94 3.61
CA ALA D 181 -23.11 -4.23 4.97
C ALA D 181 -23.34 -5.72 5.35
N ALA D 182 -24.51 -6.27 4.99
CA ALA D 182 -24.83 -7.68 5.18
C ALA D 182 -23.82 -8.67 4.58
N THR D 183 -23.34 -8.37 3.38
CA THR D 183 -22.44 -9.28 2.69
C THR D 183 -21.09 -9.26 3.39
N VAL D 184 -20.64 -8.07 3.80
CA VAL D 184 -19.36 -7.93 4.50
C VAL D 184 -19.47 -8.55 5.89
N ARG D 185 -20.59 -8.29 6.56
CA ARG D 185 -20.90 -8.93 7.85
C ARG D 185 -20.79 -10.45 7.79
N GLN D 186 -21.48 -11.07 6.83
CA GLN D 186 -21.40 -12.51 6.59
C GLN D 186 -19.96 -13.06 6.35
N ALA D 187 -19.09 -12.27 5.72
CA ALA D 187 -17.69 -12.65 5.53
C ALA D 187 -16.91 -12.68 6.86
N PHE D 188 -17.20 -11.75 7.75
CA PHE D 188 -16.53 -11.75 9.07
C PHE D 188 -16.98 -12.94 9.90
N SER D 189 -18.29 -13.23 9.85
CA SER D 189 -18.86 -14.42 10.51
C SER D 189 -18.28 -15.72 9.99
N ASP D 190 -18.15 -15.82 8.66
CA ASP D 190 -17.59 -17.00 7.98
C ASP D 190 -16.13 -17.22 8.36
N ALA D 191 -15.37 -16.12 8.44
CA ALA D 191 -13.99 -16.17 8.92
C ALA D 191 -13.92 -16.73 10.32
N LEU D 192 -14.82 -16.29 11.19
CA LEU D 192 -14.85 -16.78 12.57
C LEU D 192 -15.33 -18.23 12.66
N ASP D 193 -16.40 -18.57 11.97
CA ASP D 193 -16.84 -19.97 11.85
C ASP D 193 -15.76 -20.93 11.36
N MET D 194 -15.01 -20.54 10.33
CA MET D 194 -13.94 -21.36 9.76
C MET D 194 -12.78 -21.58 10.77
N THR D 195 -12.39 -20.53 11.49
CA THR D 195 -11.31 -20.66 12.47
C THR D 195 -11.77 -21.55 13.61
N ARG D 196 -13.05 -21.42 13.98
CA ARG D 196 -13.67 -22.28 14.98
C ARG D 196 -13.67 -23.75 14.57
N MET D 197 -13.98 -24.04 13.30
CA MET D 197 -13.94 -25.43 12.80
C MET D 197 -12.54 -26.00 12.88
N SER D 198 -11.56 -25.19 12.54
CA SER D 198 -10.17 -25.61 12.55
C SER D 198 -9.81 -26.19 13.90
N LEU D 199 -10.05 -25.40 14.94
CA LEU D 199 -9.73 -25.73 16.32
C LEU D 199 -10.38 -27.03 16.82
N ARG D 200 -11.58 -27.34 16.36
CA ARG D 200 -12.24 -28.54 16.84
C ARG D 200 -11.88 -29.83 16.07
N HIS D 201 -11.04 -29.72 15.04
CA HIS D 201 -10.61 -30.89 14.26
C HIS D 201 -9.73 -31.87 15.05
N ASN D 202 -8.71 -31.36 15.73
CA ASN D 202 -7.81 -32.18 16.56
C ASN D 202 -8.49 -32.79 17.78
N THR D 203 -9.56 -32.15 18.25
CA THR D 203 -10.37 -32.62 19.38
C THR D 203 -11.10 -33.94 19.08
N HIS D 204 -11.90 -33.98 18.01
CA HIS D 204 -12.56 -35.25 17.69
C HIS D 204 -11.65 -36.27 17.00
N ASP D 205 -10.53 -35.80 16.48
CA ASP D 205 -9.41 -36.67 16.11
C ASP D 205 -8.90 -37.45 17.34
N ALA D 206 -8.75 -36.73 18.46
CA ALA D 206 -8.33 -37.34 19.74
C ALA D 206 -9.43 -38.21 20.36
N THR D 207 -10.68 -37.75 20.28
CA THR D 207 -11.80 -38.39 20.99
C THR D 207 -12.19 -39.71 20.33
N THR D 213 -8.47 -48.14 18.33
CA THR D 213 -7.50 -49.06 17.72
C THR D 213 -7.12 -48.63 16.29
N ARG D 214 -5.81 -48.62 15.99
CA ARG D 214 -5.28 -48.36 14.64
C ARG D 214 -5.80 -49.37 13.58
N TYR D 215 -6.03 -50.61 14.00
CA TYR D 215 -6.65 -51.61 13.15
C TYR D 215 -7.96 -51.11 12.51
N VAL D 216 -8.83 -50.52 13.34
CA VAL D 216 -10.18 -50.08 12.95
C VAL D 216 -10.11 -48.76 12.21
N LEU D 217 -9.29 -47.85 12.73
CA LEU D 217 -9.12 -46.51 12.17
C LEU D 217 -8.44 -46.55 10.78
N GLU D 218 -7.63 -47.58 10.56
CA GLU D 218 -6.90 -47.79 9.31
C GLU D 218 -7.78 -48.58 8.33
N GLY D 219 -9.00 -48.93 8.77
CA GLY D 219 -10.00 -49.60 7.93
C GLY D 219 -9.92 -51.11 7.79
N HIS D 220 -9.17 -51.77 8.67
CA HIS D 220 -9.08 -53.24 8.62
C HIS D 220 -10.35 -53.99 9.08
N HIS D 221 -11.24 -53.32 9.80
CA HIS D 221 -12.54 -53.91 10.21
C HIS D 221 -13.45 -54.27 9.04
N HIS D 222 -13.28 -53.57 7.92
CA HIS D 222 -14.04 -53.87 6.70
C HIS D 222 -13.86 -55.30 6.19
N HIS D 223 -12.95 -56.06 6.80
CA HIS D 223 -12.73 -57.46 6.40
C HIS D 223 -13.54 -58.44 7.26
N HIS D 224 -14.22 -57.90 8.27
CA HIS D 224 -15.01 -58.70 9.21
C HIS D 224 -16.44 -58.99 8.73
N HIS D 225 -16.57 -59.96 7.84
CA HIS D 225 -17.87 -60.34 7.29
C HIS D 225 -18.60 -61.41 8.11
#